data_1CIU
#
_entry.id   1CIU
#
_cell.length_a   73.900
_cell.length_b   97.400
_cell.length_c   115.800
_cell.angle_alpha   90.00
_cell.angle_beta   90.00
_cell.angle_gamma   90.00
#
_symmetry.space_group_name_H-M   'P 21 21 21'
#
loop_
_entity.id
_entity.type
_entity.pdbx_description
1 polymer 'CYCLODEXTRIN GLYCOSYLTRANSFERASE'
2 non-polymer 'CALCIUM ION'
3 water water
#
_entity_poly.entity_id   1
_entity_poly.type   'polypeptide(L)'
_entity_poly.pdbx_seq_one_letter_code
;ASDTAVSNVVNYSTDVIYQIVTDRFVDGNTSNNPTGDLYDPTHTSLKKYFGGDWQGIINKINDGYLTGMGVTAIWISQPV
ENIYAVLPDSTFGGSTSYHGYWARDFKRTNPYFGSFTDFQNLINTAHAHNIKVIIDFAPNHTSPASETDPTYAENGRLYD
NGTLLGGYTNDTNGYFHHYGGTDFSSYEDGIYRNLFDLADLNQQNSTIDSYLKSAIKVWLDMGIDGIRLDAVKHMPFGWQ
KNFMDSILSYRPVFTFGEWFLGTNEIDVNNTYFANESGMSLLDFRFSQKVRQVFRDNTDTMYGLDSMIQSTASDYNFIND
MVTFIDNHDMDRFYNGGSTRPVEQALAFTLTSRGVPAIYYGTEQYMTGNGDPYNRAMMTSFNTSTTAYNVIKKLAPLRKS
NPAIAYGTTQQRWINNDVYIYERKFGNNVALVAINRNLSTSYNITGLYTALPAGTYTDVLGGLLNGNSISVASDGSVTPF
TLSAGEVAVWQYVSSSNSPLIGHVGPTMTKAGQTITIDGRGFGTTSGQVLFGSTAGTIVSWDDTEVKVKVPSVTPGKYNI
SLKTSSGATSNTYNNINILTGNQICVRFVVNNASTVYGENVYLTGNVAELGNWDTSKAIGPMFNQVVYQYPTWYYDVSVP
AGTTIQFKFIKKNGNTITWEGGSNHTYTVPSSSTGTVIVNWQQ
;
_entity_poly.pdbx_strand_id   A
#
loop_
_chem_comp.id
_chem_comp.type
_chem_comp.name
_chem_comp.formula
CA non-polymer 'CALCIUM ION' 'Ca 2'
#
# COMPACT_ATOMS: atom_id res chain seq x y z
N ALA A 1 -15.56 -18.34 8.50
CA ALA A 1 -15.81 -17.67 7.23
C ALA A 1 -14.74 -18.03 6.20
N SER A 2 -14.72 -17.29 5.09
CA SER A 2 -13.75 -17.55 4.04
C SER A 2 -12.79 -16.40 3.76
N ASP A 3 -11.59 -16.74 3.33
CA ASP A 3 -10.58 -15.73 3.03
C ASP A 3 -11.03 -14.73 1.96
N THR A 4 -12.07 -15.09 1.22
CA THR A 4 -12.56 -14.22 0.14
C THR A 4 -13.75 -13.37 0.55
N ALA A 5 -14.28 -13.61 1.74
CA ALA A 5 -15.42 -12.85 2.24
C ALA A 5 -15.08 -11.36 2.32
N VAL A 6 -16.05 -10.51 1.98
CA VAL A 6 -15.85 -9.06 1.99
C VAL A 6 -15.46 -8.57 3.39
N SER A 7 -15.75 -9.39 4.39
CA SER A 7 -15.46 -9.03 5.77
C SER A 7 -13.99 -9.22 6.17
N ASN A 8 -13.23 -9.89 5.31
CA ASN A 8 -11.81 -10.11 5.57
C ASN A 8 -11.11 -8.83 5.15
N VAL A 9 -11.02 -7.91 6.09
CA VAL A 9 -10.45 -6.58 5.85
C VAL A 9 -8.93 -6.52 6.05
N VAL A 10 -8.35 -7.65 6.41
CA VAL A 10 -6.91 -7.72 6.65
C VAL A 10 -6.14 -8.42 5.50
N ASN A 11 -6.90 -8.88 4.50
CA ASN A 11 -6.35 -9.57 3.33
C ASN A 11 -6.99 -9.05 2.05
N TYR A 12 -6.17 -8.55 1.12
CA TYR A 12 -6.69 -8.03 -0.16
C TYR A 12 -6.08 -8.76 -1.37
N SER A 13 -5.41 -9.88 -1.12
CA SER A 13 -4.76 -10.63 -2.19
C SER A 13 -5.70 -11.27 -3.20
N THR A 14 -6.95 -11.46 -2.81
CA THR A 14 -7.94 -12.06 -3.70
C THR A 14 -8.82 -10.99 -4.31
N ASP A 15 -8.45 -9.72 -4.08
CA ASP A 15 -9.23 -8.60 -4.58
C ASP A 15 -8.60 -7.83 -5.73
N VAL A 16 -9.42 -6.96 -6.32
CA VAL A 16 -9.00 -6.08 -7.38
C VAL A 16 -9.56 -4.71 -6.99
N ILE A 17 -8.67 -3.78 -6.68
CA ILE A 17 -9.07 -2.44 -6.28
C ILE A 17 -9.28 -1.57 -7.51
N TYR A 18 -10.25 -0.68 -7.43
CA TYR A 18 -10.54 0.24 -8.52
C TYR A 18 -10.33 1.63 -7.92
N GLN A 19 -9.30 2.34 -8.39
CA GLN A 19 -9.01 3.67 -7.87
C GLN A 19 -9.84 4.77 -8.49
N ILE A 20 -10.57 5.49 -7.64
CA ILE A 20 -11.43 6.56 -8.09
C ILE A 20 -11.09 7.92 -7.53
N VAL A 21 -10.94 8.89 -8.42
CA VAL A 21 -10.70 10.26 -8.02
C VAL A 21 -12.15 10.73 -7.99
N THR A 22 -12.75 10.63 -6.80
CA THR A 22 -14.15 10.97 -6.55
C THR A 22 -14.75 12.09 -7.39
N ASP A 23 -14.07 13.22 -7.46
CA ASP A 23 -14.56 14.38 -8.19
C ASP A 23 -14.70 14.22 -9.71
N ARG A 24 -13.91 13.31 -10.28
CA ARG A 24 -13.88 13.09 -11.72
C ARG A 24 -14.56 11.82 -12.20
N PHE A 25 -15.41 11.23 -11.36
CA PHE A 25 -16.10 10.00 -11.72
C PHE A 25 -17.54 10.22 -12.10
N VAL A 26 -18.38 10.51 -11.11
CA VAL A 26 -19.80 10.72 -11.37
C VAL A 26 -20.43 11.72 -10.40
N ASP A 27 -21.04 12.75 -10.95
CA ASP A 27 -21.72 13.75 -10.14
C ASP A 27 -23.13 13.22 -9.85
N GLY A 28 -23.22 12.36 -8.84
CA GLY A 28 -24.50 11.75 -8.46
C GLY A 28 -25.51 12.71 -7.83
N ASN A 29 -25.04 13.89 -7.42
CA ASN A 29 -25.92 14.89 -6.82
C ASN A 29 -25.43 16.29 -7.14
N THR A 30 -26.28 17.07 -7.80
CA THR A 30 -25.91 18.43 -8.17
C THR A 30 -26.13 19.40 -7.02
N SER A 31 -26.96 19.01 -6.06
CA SER A 31 -27.26 19.89 -4.93
C SER A 31 -26.07 20.11 -4.00
N ASN A 32 -25.09 19.21 -4.04
CA ASN A 32 -23.92 19.34 -3.17
C ASN A 32 -22.70 19.97 -3.85
N ASN A 33 -22.84 20.25 -5.15
CA ASN A 33 -21.76 20.84 -5.93
C ASN A 33 -21.37 22.21 -5.39
N PRO A 34 -20.08 22.54 -5.50
CA PRO A 34 -19.60 23.83 -5.04
C PRO A 34 -20.23 24.95 -5.88
N THR A 35 -20.04 26.19 -5.46
CA THR A 35 -20.60 27.32 -6.17
C THR A 35 -19.54 28.36 -6.46
N GLY A 36 -19.67 29.03 -7.60
CA GLY A 36 -18.72 30.07 -7.97
C GLY A 36 -17.44 29.53 -8.59
N ASP A 37 -16.33 30.19 -8.26
CA ASP A 37 -15.02 29.82 -8.79
C ASP A 37 -14.59 28.40 -8.45
N LEU A 38 -15.22 27.80 -7.45
CA LEU A 38 -14.86 26.45 -7.04
C LEU A 38 -15.37 25.40 -8.01
N TYR A 39 -16.41 25.73 -8.74
CA TYR A 39 -17.03 24.78 -9.65
C TYR A 39 -16.91 25.13 -11.12
N ASP A 40 -16.80 24.10 -11.95
CA ASP A 40 -16.73 24.27 -13.39
C ASP A 40 -17.67 23.26 -14.04
N PRO A 41 -18.90 23.70 -14.30
CA PRO A 41 -19.92 22.84 -14.88
C PRO A 41 -19.60 22.30 -16.28
N THR A 42 -18.62 22.89 -16.95
CA THR A 42 -18.25 22.45 -18.29
C THR A 42 -17.18 21.37 -18.30
N HIS A 43 -16.56 21.13 -17.14
CA HIS A 43 -15.53 20.11 -17.03
C HIS A 43 -14.32 20.38 -17.92
N THR A 44 -13.97 21.65 -18.11
CA THR A 44 -12.82 22.00 -18.94
C THR A 44 -11.67 22.57 -18.11
N SER A 45 -11.99 23.17 -16.96
CA SER A 45 -10.95 23.72 -16.08
C SER A 45 -10.49 22.60 -15.14
N LEU A 46 -9.54 21.81 -15.61
CA LEU A 46 -9.00 20.65 -14.91
C LEU A 46 -8.60 20.71 -13.43
N LYS A 47 -8.56 21.91 -12.85
CA LYS A 47 -8.18 22.02 -11.45
C LYS A 47 -9.29 22.51 -10.53
N LYS A 48 -10.51 22.59 -11.09
CA LYS A 48 -11.67 23.02 -10.33
C LYS A 48 -12.51 21.79 -10.04
N TYR A 49 -13.51 21.94 -9.19
CA TYR A 49 -14.38 20.83 -8.86
C TYR A 49 -15.31 20.58 -10.03
N PHE A 50 -15.44 19.32 -10.46
CA PHE A 50 -16.32 19.00 -11.56
C PHE A 50 -17.66 18.48 -11.03
N GLY A 51 -17.68 18.12 -9.75
CA GLY A 51 -18.92 17.66 -9.12
C GLY A 51 -19.06 16.18 -8.75
N GLY A 52 -18.06 15.35 -9.07
CA GLY A 52 -18.13 13.93 -8.75
C GLY A 52 -18.37 13.71 -7.24
N ASP A 53 -19.14 12.68 -6.88
CA ASP A 53 -19.40 12.45 -5.46
C ASP A 53 -19.71 11.00 -5.07
N TRP A 54 -19.81 10.76 -3.77
CA TRP A 54 -20.08 9.42 -3.23
C TRP A 54 -21.40 8.81 -3.75
N GLN A 55 -22.39 9.66 -3.96
CA GLN A 55 -23.68 9.20 -4.47
C GLN A 55 -23.49 8.64 -5.89
N GLY A 56 -22.62 9.28 -6.66
CA GLY A 56 -22.32 8.86 -8.03
C GLY A 56 -21.62 7.51 -8.04
N ILE A 57 -20.78 7.28 -7.02
CA ILE A 57 -20.08 6.01 -6.91
C ILE A 57 -21.14 4.96 -6.57
N ILE A 58 -22.03 5.32 -5.66
CA ILE A 58 -23.11 4.44 -5.24
C ILE A 58 -23.93 4.05 -6.47
N ASN A 59 -24.16 5.02 -7.36
CA ASN A 59 -24.94 4.79 -8.57
C ASN A 59 -24.31 3.74 -9.49
N LYS A 60 -22.98 3.77 -9.59
CA LYS A 60 -22.25 2.81 -10.43
C LYS A 60 -22.16 1.42 -9.82
N ILE A 61 -22.49 1.30 -8.53
CA ILE A 61 -22.47 0.00 -7.87
C ILE A 61 -23.83 -0.65 -8.07
N ASN A 62 -24.89 0.14 -7.88
CA ASN A 62 -26.26 -0.31 -8.01
C ASN A 62 -26.69 -0.61 -9.44
N ASP A 63 -26.04 0.02 -10.41
CA ASP A 63 -26.39 -0.22 -11.81
C ASP A 63 -25.56 -1.30 -12.50
N GLY A 64 -24.65 -1.90 -11.74
CA GLY A 64 -23.83 -3.00 -12.25
C GLY A 64 -22.54 -2.71 -13.00
N TYR A 65 -22.16 -1.44 -13.13
CA TYR A 65 -20.92 -1.13 -13.85
C TYR A 65 -19.69 -1.69 -13.17
N LEU A 66 -19.45 -1.27 -11.93
CA LEU A 66 -18.28 -1.73 -11.19
C LEU A 66 -18.33 -3.23 -10.90
N THR A 67 -19.48 -3.68 -10.42
CA THR A 67 -19.67 -5.08 -10.10
C THR A 67 -19.49 -5.94 -11.35
N GLY A 68 -20.18 -5.58 -12.42
CA GLY A 68 -20.09 -6.32 -13.67
C GLY A 68 -18.66 -6.48 -14.18
N MET A 69 -17.80 -5.53 -13.83
CA MET A 69 -16.40 -5.55 -14.23
C MET A 69 -15.54 -6.50 -13.40
N GLY A 70 -16.06 -6.93 -12.25
CA GLY A 70 -15.33 -7.85 -11.37
C GLY A 70 -14.54 -7.15 -10.27
N VAL A 71 -14.82 -5.86 -10.07
CA VAL A 71 -14.16 -5.07 -9.05
C VAL A 71 -14.65 -5.49 -7.67
N THR A 72 -13.73 -5.75 -6.74
CA THR A 72 -14.09 -6.17 -5.38
C THR A 72 -13.74 -5.14 -4.33
N ALA A 73 -13.14 -4.03 -4.75
CA ALA A 73 -12.76 -2.98 -3.82
C ALA A 73 -12.60 -1.64 -4.53
N ILE A 74 -12.90 -0.56 -3.83
CA ILE A 74 -12.74 0.78 -4.38
C ILE A 74 -11.91 1.64 -3.45
N TRP A 75 -10.97 2.39 -4.02
CA TRP A 75 -10.12 3.28 -3.26
C TRP A 75 -10.49 4.70 -3.72
N ILE A 76 -11.09 5.47 -2.82
CA ILE A 76 -11.55 6.82 -3.11
C ILE A 76 -10.67 7.93 -2.52
N SER A 77 -10.87 9.14 -3.02
CA SER A 77 -10.11 10.30 -2.55
C SER A 77 -10.32 10.47 -1.05
N GLN A 78 -9.38 11.16 -0.39
CA GLN A 78 -9.49 11.40 1.06
C GLN A 78 -10.85 12.06 1.30
N PRO A 79 -11.66 11.44 2.17
CA PRO A 79 -13.00 11.94 2.45
C PRO A 79 -13.10 13.19 3.30
N VAL A 80 -12.02 13.54 3.99
CA VAL A 80 -11.99 14.69 4.90
C VAL A 80 -12.13 16.09 4.28
N GLU A 81 -12.60 17.02 5.11
CA GLU A 81 -12.80 18.40 4.71
C GLU A 81 -11.54 19.09 4.18
N ASN A 82 -11.67 19.76 3.04
CA ASN A 82 -10.54 20.44 2.42
C ASN A 82 -10.77 21.95 2.43
N ILE A 83 -9.73 22.71 2.12
CA ILE A 83 -9.84 24.16 2.08
C ILE A 83 -10.72 24.58 0.92
N TYR A 84 -11.44 25.68 1.10
CA TYR A 84 -12.35 26.19 0.09
C TYR A 84 -11.72 27.23 -0.80
N ALA A 85 -10.52 27.66 -0.42
CA ALA A 85 -9.81 28.67 -1.18
C ALA A 85 -9.47 28.22 -2.60
N VAL A 86 -9.65 29.14 -3.54
CA VAL A 86 -9.33 28.88 -4.94
C VAL A 86 -7.99 29.57 -5.17
N LEU A 87 -6.95 28.77 -5.38
CA LEU A 87 -5.61 29.33 -5.59
C LEU A 87 -5.36 29.71 -7.05
N PRO A 88 -4.38 30.57 -7.25
CA PRO A 88 -4.03 31.04 -8.57
C PRO A 88 -3.25 30.01 -9.38
N ASP A 89 -3.67 29.83 -10.62
CA ASP A 89 -3.01 28.90 -11.54
C ASP A 89 -2.89 29.65 -12.85
N SER A 90 -1.67 29.88 -13.31
CA SER A 90 -1.47 30.61 -14.56
C SER A 90 -2.02 29.85 -15.76
N THR A 91 -1.74 28.56 -15.80
CA THR A 91 -2.20 27.71 -16.90
C THR A 91 -3.69 27.42 -16.89
N PHE A 92 -4.18 26.89 -15.77
CA PHE A 92 -5.59 26.53 -15.64
C PHE A 92 -6.48 27.62 -15.05
N GLY A 93 -5.86 28.73 -14.66
CA GLY A 93 -6.60 29.86 -14.09
C GLY A 93 -7.55 29.43 -12.97
N GLY A 94 -6.99 28.77 -11.96
CA GLY A 94 -7.78 28.29 -10.84
C GLY A 94 -7.23 26.95 -10.35
N SER A 95 -7.02 26.85 -9.05
CA SER A 95 -6.49 25.65 -8.43
C SER A 95 -7.24 25.39 -7.13
N THR A 96 -7.92 24.25 -7.06
CA THR A 96 -8.71 23.88 -5.89
C THR A 96 -8.31 22.54 -5.28
N SER A 97 -9.07 22.14 -4.26
CA SER A 97 -8.82 20.88 -3.54
C SER A 97 -9.72 19.77 -4.05
N TYR A 98 -10.10 19.85 -5.32
CA TYR A 98 -10.97 18.85 -5.94
C TYR A 98 -10.42 17.45 -5.70
N HIS A 99 -9.09 17.38 -5.57
CA HIS A 99 -8.39 16.10 -5.35
C HIS A 99 -8.51 15.57 -3.92
N GLY A 100 -8.79 16.46 -2.98
CA GLY A 100 -8.96 16.09 -1.57
C GLY A 100 -7.68 15.96 -0.73
N TYR A 101 -6.56 16.42 -1.27
CA TYR A 101 -5.28 16.33 -0.56
C TYR A 101 -4.93 17.54 0.31
N TRP A 102 -5.79 18.54 0.31
CA TRP A 102 -5.58 19.74 1.10
C TRP A 102 -6.50 19.71 2.32
N ALA A 103 -6.12 18.91 3.31
CA ALA A 103 -6.92 18.73 4.52
C ALA A 103 -7.09 20.00 5.36
N ARG A 104 -8.29 20.15 5.89
CA ARG A 104 -8.69 21.30 6.70
C ARG A 104 -9.13 20.76 8.06
N ASP A 105 -10.00 19.76 8.03
CA ASP A 105 -10.48 19.11 9.23
C ASP A 105 -10.54 17.62 8.92
N PHE A 106 -9.66 16.85 9.55
CA PHE A 106 -9.58 15.41 9.34
C PHE A 106 -10.74 14.70 10.04
N LYS A 107 -11.47 15.43 10.87
CA LYS A 107 -12.59 14.86 11.62
C LYS A 107 -13.94 15.06 10.95
N ARG A 108 -13.93 15.77 9.82
CA ARG A 108 -15.15 16.03 9.08
C ARG A 108 -15.00 15.64 7.61
N THR A 109 -16.15 15.56 6.94
CA THR A 109 -16.16 15.20 5.52
C THR A 109 -16.17 16.42 4.62
N ASN A 110 -15.80 16.19 3.38
CA ASN A 110 -15.80 17.23 2.38
C ASN A 110 -17.27 17.37 1.98
N PRO A 111 -17.83 18.55 2.23
CA PRO A 111 -19.23 18.84 1.93
C PRO A 111 -19.64 18.54 0.48
N TYR A 112 -18.70 18.63 -0.45
CA TYR A 112 -19.03 18.37 -1.86
C TYR A 112 -19.03 16.91 -2.22
N PHE A 113 -18.36 16.08 -1.43
CA PHE A 113 -18.35 14.66 -1.71
C PHE A 113 -19.59 14.04 -1.06
N GLY A 114 -20.06 14.66 0.01
CA GLY A 114 -21.26 14.18 0.69
C GLY A 114 -21.19 14.31 2.20
N SER A 115 -22.28 13.92 2.86
CA SER A 115 -22.37 13.97 4.31
C SER A 115 -21.80 12.67 4.86
N PHE A 116 -21.74 12.55 6.19
CA PHE A 116 -21.26 11.34 6.81
C PHE A 116 -22.31 10.26 6.56
N THR A 117 -23.56 10.69 6.36
CA THR A 117 -24.65 9.77 6.10
C THR A 117 -24.53 9.28 4.66
N ASP A 118 -24.00 10.15 3.81
CA ASP A 118 -23.78 9.83 2.40
C ASP A 118 -22.65 8.82 2.37
N PHE A 119 -21.61 9.09 3.16
CA PHE A 119 -20.44 8.22 3.24
C PHE A 119 -20.86 6.84 3.71
N GLN A 120 -21.78 6.81 4.67
CA GLN A 120 -22.30 5.57 5.23
C GLN A 120 -23.11 4.83 4.16
N ASN A 121 -23.92 5.57 3.42
CA ASN A 121 -24.73 4.98 2.36
C ASN A 121 -23.79 4.24 1.42
N LEU A 122 -22.67 4.88 1.10
CA LEU A 122 -21.66 4.32 0.21
C LEU A 122 -21.00 3.06 0.79
N ILE A 123 -20.65 3.12 2.08
CA ILE A 123 -20.02 1.99 2.74
C ILE A 123 -20.96 0.79 2.80
N ASN A 124 -22.22 1.06 3.13
CA ASN A 124 -23.24 0.02 3.22
C ASN A 124 -23.61 -0.56 1.86
N THR A 125 -23.62 0.28 0.83
CA THR A 125 -23.94 -0.16 -0.53
C THR A 125 -22.81 -1.03 -1.06
N ALA A 126 -21.58 -0.58 -0.83
CA ALA A 126 -20.40 -1.31 -1.28
C ALA A 126 -20.41 -2.71 -0.68
N HIS A 127 -20.61 -2.77 0.63
CA HIS A 127 -20.64 -4.05 1.34
C HIS A 127 -21.77 -4.96 0.90
N ALA A 128 -22.96 -4.40 0.75
CA ALA A 128 -24.12 -5.17 0.32
C ALA A 128 -23.79 -5.88 -0.99
N HIS A 129 -22.87 -5.30 -1.75
CA HIS A 129 -22.45 -5.87 -3.03
C HIS A 129 -21.10 -6.54 -2.98
N ASN A 130 -20.60 -6.79 -1.77
CA ASN A 130 -19.31 -7.46 -1.59
C ASN A 130 -18.12 -6.65 -2.05
N ILE A 131 -18.18 -5.34 -1.86
CA ILE A 131 -17.09 -4.47 -2.25
C ILE A 131 -16.51 -3.76 -1.02
N LYS A 132 -15.19 -3.85 -0.87
CA LYS A 132 -14.49 -3.24 0.24
C LYS A 132 -14.23 -1.79 -0.10
N VAL A 133 -14.15 -0.94 0.93
CA VAL A 133 -13.94 0.47 0.73
C VAL A 133 -12.62 0.99 1.31
N ILE A 134 -11.74 1.44 0.43
CA ILE A 134 -10.46 1.99 0.84
C ILE A 134 -10.47 3.51 0.72
N ILE A 135 -9.96 4.19 1.74
CA ILE A 135 -9.91 5.65 1.72
C ILE A 135 -8.49 6.17 1.72
N ASP A 136 -8.28 7.27 1.02
CA ASP A 136 -6.99 7.93 0.97
C ASP A 136 -6.90 8.75 2.27
N PHE A 137 -5.71 8.84 2.86
CA PHE A 137 -5.54 9.61 4.09
C PHE A 137 -4.13 10.20 4.08
N ALA A 138 -4.05 11.53 4.25
CA ALA A 138 -2.75 12.22 4.22
C ALA A 138 -2.41 13.03 5.47
N PRO A 139 -1.81 12.38 6.46
CA PRO A 139 -1.45 13.04 7.70
C PRO A 139 -0.10 13.77 7.66
N ASN A 140 0.42 14.01 6.47
CA ASN A 140 1.71 14.68 6.32
C ASN A 140 1.66 16.19 6.39
N HIS A 141 0.55 16.77 5.95
CA HIS A 141 0.44 18.22 5.92
C HIS A 141 -1.03 18.58 5.88
N THR A 142 -1.31 19.87 5.81
CA THR A 142 -2.69 20.33 5.72
C THR A 142 -2.92 20.85 4.30
N SER A 143 -2.63 22.12 4.08
CA SER A 143 -2.81 22.72 2.75
C SER A 143 -1.71 23.72 2.41
N PRO A 144 -1.72 24.21 1.17
CA PRO A 144 -0.71 25.19 0.73
C PRO A 144 -0.68 26.38 1.67
N ALA A 145 0.52 26.81 2.05
CA ALA A 145 0.64 27.93 2.97
C ALA A 145 1.93 28.73 2.87
N SER A 146 1.81 30.01 3.21
CA SER A 146 2.93 30.95 3.23
C SER A 146 2.92 31.53 4.63
N GLU A 147 3.89 31.17 5.44
CA GLU A 147 3.95 31.65 6.80
C GLU A 147 4.30 33.14 6.83
N THR A 148 4.74 33.64 5.69
CA THR A 148 5.11 35.05 5.54
C THR A 148 3.90 35.90 5.15
N ASP A 149 2.93 35.25 4.51
CA ASP A 149 1.68 35.89 4.08
C ASP A 149 0.52 34.95 4.42
N PRO A 150 -0.09 35.17 5.58
CA PRO A 150 -1.20 34.38 6.07
C PRO A 150 -2.46 34.61 5.26
N THR A 151 -2.35 35.46 4.24
CA THR A 151 -3.49 35.76 3.37
C THR A 151 -3.60 34.74 2.25
N TYR A 152 -2.49 34.08 1.95
CA TYR A 152 -2.44 33.07 0.90
C TYR A 152 -3.19 31.80 1.34
N ALA A 153 -4.19 31.41 0.55
CA ALA A 153 -4.99 30.23 0.88
C ALA A 153 -5.56 30.39 2.29
N GLU A 154 -5.80 29.27 2.96
CA GLU A 154 -6.35 29.30 4.31
C GLU A 154 -5.29 29.15 5.40
N ASN A 155 -4.09 29.64 5.12
CA ASN A 155 -2.97 29.59 6.06
C ASN A 155 -2.65 28.19 6.56
N GLY A 156 -3.03 27.18 5.79
CA GLY A 156 -2.78 25.78 6.16
C GLY A 156 -3.44 25.48 7.50
N ARG A 157 -4.46 26.26 7.84
CA ARG A 157 -5.18 26.08 9.10
C ARG A 157 -5.79 24.70 9.30
N LEU A 158 -5.75 24.26 10.55
CA LEU A 158 -6.24 22.95 10.95
C LEU A 158 -7.31 23.07 12.04
N TYR A 159 -8.45 22.43 11.81
CA TYR A 159 -9.55 22.46 12.78
C TYR A 159 -9.75 21.08 13.39
N ASP A 160 -10.32 21.05 14.59
CA ASP A 160 -10.58 19.81 15.30
C ASP A 160 -12.08 19.69 15.38
N ASN A 161 -12.68 19.03 14.39
CA ASN A 161 -14.12 18.89 14.30
C ASN A 161 -14.80 20.25 14.44
N GLY A 162 -14.33 21.24 13.69
CA GLY A 162 -14.91 22.57 13.72
C GLY A 162 -14.06 23.63 14.43
N THR A 163 -13.51 23.29 15.59
CA THR A 163 -12.72 24.26 16.33
C THR A 163 -11.26 24.37 15.88
N LEU A 164 -10.90 25.57 15.44
CA LEU A 164 -9.55 25.84 14.95
C LEU A 164 -8.44 25.54 15.95
N LEU A 165 -7.38 24.89 15.46
CA LEU A 165 -6.22 24.55 16.27
C LEU A 165 -5.24 25.69 16.06
N GLY A 166 -4.96 25.96 14.79
CA GLY A 166 -4.04 27.04 14.43
C GLY A 166 -3.67 26.96 12.94
N GLY A 167 -2.92 27.95 12.49
CA GLY A 167 -2.48 28.00 11.10
C GLY A 167 -0.97 28.00 11.03
N TYR A 168 -0.43 28.08 9.82
CA TYR A 168 1.01 28.08 9.65
C TYR A 168 1.66 29.35 10.22
N THR A 169 0.98 30.48 10.05
CA THR A 169 1.48 31.76 10.55
C THR A 169 1.20 31.93 12.04
N ASN A 170 2.21 32.39 12.77
CA ASN A 170 2.10 32.59 14.21
C ASN A 170 1.69 31.26 14.85
N ASP A 171 2.47 30.23 14.57
CA ASP A 171 2.23 28.89 15.09
C ASP A 171 3.00 28.73 16.39
N THR A 172 2.51 29.40 17.43
CA THR A 172 3.14 29.38 18.74
C THR A 172 3.12 27.99 19.40
N ASN A 173 2.15 27.17 19.05
CA ASN A 173 2.05 25.84 19.64
C ASN A 173 2.99 24.84 18.97
N GLY A 174 3.42 25.16 17.76
CA GLY A 174 4.34 24.30 17.04
C GLY A 174 3.64 23.06 16.50
N TYR A 175 2.49 23.26 15.87
CA TYR A 175 1.75 22.15 15.29
C TYR A 175 2.38 21.77 13.95
N PHE A 176 2.97 22.77 13.29
CA PHE A 176 3.60 22.59 11.99
C PHE A 176 5.11 22.68 12.07
N HIS A 177 5.77 22.40 10.94
CA HIS A 177 7.22 22.43 10.83
C HIS A 177 7.60 23.73 10.14
N HIS A 178 8.61 24.41 10.65
CA HIS A 178 9.05 25.66 10.06
C HIS A 178 10.54 25.57 9.72
N TYR A 179 10.84 24.74 8.73
CA TYR A 179 12.22 24.54 8.30
C TYR A 179 12.30 24.80 6.80
N GLY A 180 11.40 25.62 6.30
CA GLY A 180 11.39 25.92 4.88
C GLY A 180 10.82 24.73 4.11
N GLY A 181 11.21 24.61 2.85
CA GLY A 181 10.74 23.53 2.00
C GLY A 181 11.85 22.54 1.67
N THR A 182 11.46 21.31 1.36
CA THR A 182 12.41 20.27 1.03
C THR A 182 12.96 20.44 -0.37
N ASP A 183 14.22 20.10 -0.56
CA ASP A 183 14.82 20.14 -1.88
C ASP A 183 15.20 18.72 -2.24
N PHE A 184 14.64 17.79 -1.47
CA PHE A 184 14.82 16.36 -1.68
C PHE A 184 16.28 15.91 -1.68
N SER A 185 17.14 16.73 -1.11
CA SER A 185 18.56 16.41 -1.05
C SER A 185 18.82 15.12 -0.28
N SER A 186 18.01 14.85 0.72
CA SER A 186 18.20 13.66 1.54
C SER A 186 16.89 13.07 2.03
N TYR A 187 16.98 11.94 2.72
CA TYR A 187 15.83 11.26 3.29
C TYR A 187 15.29 12.12 4.41
N GLU A 188 16.19 12.67 5.22
CA GLU A 188 15.84 13.52 6.35
C GLU A 188 15.25 14.86 5.92
N ASP A 189 15.84 15.45 4.90
CA ASP A 189 15.38 16.74 4.39
C ASP A 189 13.93 16.70 3.91
N GLY A 190 13.55 15.61 3.25
CA GLY A 190 12.20 15.46 2.73
C GLY A 190 11.18 15.07 3.79
N ILE A 191 11.63 14.95 5.03
CA ILE A 191 10.74 14.56 6.12
C ILE A 191 10.31 15.73 7.00
N TYR A 192 11.28 16.54 7.41
CA TYR A 192 11.03 17.66 8.30
C TYR A 192 10.80 19.01 7.62
N ARG A 193 10.92 19.03 6.29
CA ARG A 193 10.67 20.25 5.53
C ARG A 193 9.40 20.04 4.73
N ASN A 194 8.79 21.12 4.28
CA ASN A 194 7.54 21.04 3.53
C ASN A 194 7.64 20.51 2.12
N LEU A 195 6.57 19.84 1.70
CA LEU A 195 6.46 19.32 0.34
C LEU A 195 5.96 20.51 -0.48
N PHE A 196 6.87 21.21 -1.14
CA PHE A 196 6.47 22.37 -1.92
C PHE A 196 5.96 23.40 -0.89
N ASP A 197 4.75 23.91 -1.06
CA ASP A 197 4.23 24.88 -0.11
C ASP A 197 3.20 24.34 0.89
N LEU A 198 3.03 23.02 1.00
CA LEU A 198 2.05 22.47 1.95
C LEU A 198 2.57 22.53 3.39
N ALA A 199 1.77 23.10 4.29
CA ALA A 199 2.17 23.21 5.69
C ALA A 199 2.48 21.83 6.26
N ASP A 200 3.71 21.63 6.70
CA ASP A 200 4.14 20.36 7.27
C ASP A 200 3.65 20.15 8.70
N LEU A 201 2.92 19.07 8.92
CA LEU A 201 2.43 18.78 10.26
C LEU A 201 3.59 18.23 11.08
N ASN A 202 3.65 18.59 12.35
CA ASN A 202 4.70 18.10 13.22
C ASN A 202 4.03 17.09 14.14
N GLN A 203 4.10 15.82 13.75
CA GLN A 203 3.46 14.75 14.51
C GLN A 203 4.19 14.32 15.77
N GLN A 204 5.30 15.00 16.08
CA GLN A 204 6.04 14.69 17.30
C GLN A 204 5.43 15.56 18.40
N ASN A 205 4.61 16.51 17.99
CA ASN A 205 3.92 17.40 18.92
C ASN A 205 2.81 16.52 19.49
N SER A 206 2.69 16.48 20.81
CA SER A 206 1.69 15.65 21.47
C SER A 206 0.26 15.83 20.95
N THR A 207 -0.17 17.07 20.82
CA THR A 207 -1.52 17.37 20.34
C THR A 207 -1.75 16.84 18.93
N ILE A 208 -0.73 16.89 18.09
CA ILE A 208 -0.85 16.41 16.71
C ILE A 208 -0.92 14.89 16.65
N ASP A 209 -0.09 14.22 17.43
CA ASP A 209 -0.09 12.77 17.46
C ASP A 209 -1.47 12.27 17.89
N SER A 210 -2.03 12.88 18.93
CA SER A 210 -3.35 12.48 19.45
C SER A 210 -4.49 12.78 18.47
N TYR A 211 -4.46 13.97 17.88
CA TYR A 211 -5.47 14.39 16.91
C TYR A 211 -5.55 13.39 15.77
N LEU A 212 -4.42 13.14 15.12
CA LEU A 212 -4.37 12.21 14.00
C LEU A 212 -4.84 10.80 14.38
N LYS A 213 -4.41 10.32 15.54
CA LYS A 213 -4.82 9.00 16.00
C LYS A 213 -6.32 8.96 16.26
N SER A 214 -6.85 10.06 16.79
CA SER A 214 -8.27 10.14 17.08
C SER A 214 -9.10 10.38 15.81
N ALA A 215 -8.50 11.04 14.83
CA ALA A 215 -9.17 11.32 13.57
C ALA A 215 -9.34 10.07 12.72
N ILE A 216 -8.35 9.18 12.74
CA ILE A 216 -8.44 7.95 11.96
C ILE A 216 -9.52 7.01 12.50
N LYS A 217 -9.73 7.02 13.81
CA LYS A 217 -10.75 6.17 14.42
C LYS A 217 -12.14 6.64 14.02
N VAL A 218 -12.26 7.92 13.69
CA VAL A 218 -13.55 8.45 13.26
C VAL A 218 -14.01 7.68 12.02
N TRP A 219 -13.09 7.50 11.07
CA TRP A 219 -13.38 6.79 9.82
C TRP A 219 -13.51 5.30 10.01
N LEU A 220 -12.64 4.74 10.85
CA LEU A 220 -12.69 3.32 11.12
C LEU A 220 -14.08 3.03 11.67
N ASP A 221 -14.60 3.97 12.47
CA ASP A 221 -15.92 3.82 13.07
C ASP A 221 -17.00 3.89 12.01
N MET A 222 -16.66 4.45 10.86
CA MET A 222 -17.61 4.56 9.76
C MET A 222 -17.72 3.27 8.96
N GLY A 223 -16.80 2.35 9.20
CA GLY A 223 -16.82 1.04 8.54
C GLY A 223 -15.88 0.81 7.36
N ILE A 224 -14.94 1.73 7.14
CA ILE A 224 -13.98 1.61 6.04
C ILE A 224 -13.17 0.31 6.14
N ASP A 225 -12.72 -0.23 5.01
CA ASP A 225 -11.97 -1.49 5.05
C ASP A 225 -10.48 -1.42 4.76
N GLY A 226 -9.96 -0.24 4.49
CA GLY A 226 -8.55 -0.10 4.19
C GLY A 226 -8.15 1.35 4.09
N ILE A 227 -6.86 1.60 4.26
CA ILE A 227 -6.34 2.95 4.20
C ILE A 227 -5.17 3.07 3.24
N ARG A 228 -5.12 4.20 2.53
CA ARG A 228 -4.04 4.50 1.62
C ARG A 228 -3.36 5.71 2.23
N LEU A 229 -2.17 5.50 2.78
CA LEU A 229 -1.44 6.59 3.41
C LEU A 229 -0.62 7.33 2.36
N ASP A 230 -0.77 8.65 2.34
CA ASP A 230 -0.06 9.48 1.38
C ASP A 230 1.31 9.93 1.89
N ALA A 231 2.25 10.05 0.96
CA ALA A 231 3.60 10.51 1.26
C ALA A 231 4.28 9.89 2.49
N VAL A 232 4.21 8.57 2.61
CA VAL A 232 4.81 7.87 3.74
C VAL A 232 6.33 7.99 3.74
N LYS A 233 6.86 8.58 2.68
CA LYS A 233 8.30 8.77 2.55
C LYS A 233 8.66 10.14 3.11
N HIS A 234 7.63 10.92 3.42
CA HIS A 234 7.83 12.26 3.93
C HIS A 234 7.41 12.44 5.38
N MET A 235 7.39 11.33 6.11
CA MET A 235 7.07 11.32 7.53
C MET A 235 8.01 10.30 8.14
N PRO A 236 8.33 10.48 9.41
CA PRO A 236 9.25 9.57 10.08
C PRO A 236 8.70 8.16 10.20
N PHE A 237 9.57 7.17 10.02
CA PHE A 237 9.18 5.77 10.12
C PHE A 237 8.72 5.44 11.54
N GLY A 238 9.42 6.02 12.51
CA GLY A 238 9.11 5.80 13.92
C GLY A 238 7.70 6.24 14.27
N TRP A 239 7.31 7.42 13.81
CA TRP A 239 5.97 7.91 14.09
C TRP A 239 4.92 7.05 13.39
N GLN A 240 5.18 6.69 12.14
CA GLN A 240 4.25 5.88 11.37
C GLN A 240 4.08 4.48 11.95
N LYS A 241 5.16 3.92 12.49
CA LYS A 241 5.09 2.59 13.08
C LYS A 241 4.20 2.70 14.32
N ASN A 242 4.38 3.81 15.04
CA ASN A 242 3.60 4.09 16.24
C ASN A 242 2.14 4.37 15.88
N PHE A 243 1.93 5.00 14.72
CA PHE A 243 0.59 5.34 14.23
C PHE A 243 -0.11 4.07 13.74
N MET A 244 0.66 3.18 13.10
CA MET A 244 0.10 1.93 12.61
C MET A 244 -0.42 1.06 13.75
N ASP A 245 0.36 0.99 14.83
CA ASP A 245 -0.04 0.20 16.00
C ASP A 245 -1.34 0.74 16.58
N SER A 246 -1.49 2.07 16.54
CA SER A 246 -2.69 2.69 17.08
C SER A 246 -3.93 2.24 16.29
N ILE A 247 -3.76 2.04 15.00
CA ILE A 247 -4.84 1.59 14.12
C ILE A 247 -5.14 0.11 14.31
N LEU A 248 -4.09 -0.70 14.26
CA LEU A 248 -4.21 -2.15 14.38
C LEU A 248 -4.80 -2.66 15.69
N SER A 249 -4.52 -1.98 16.78
CA SER A 249 -5.03 -2.40 18.09
C SER A 249 -6.46 -1.95 18.29
N TYR A 250 -6.90 -1.02 17.45
CA TYR A 250 -8.26 -0.51 17.54
C TYR A 250 -9.16 -1.40 16.69
N ARG A 251 -8.89 -1.44 15.39
CA ARG A 251 -9.63 -2.26 14.43
C ARG A 251 -8.74 -2.42 13.22
N PRO A 252 -8.05 -3.54 13.14
CA PRO A 252 -7.11 -3.77 12.03
C PRO A 252 -7.73 -3.84 10.66
N VAL A 253 -7.20 -3.04 9.75
CA VAL A 253 -7.66 -3.00 8.36
C VAL A 253 -6.42 -2.93 7.48
N PHE A 254 -6.50 -3.54 6.30
CA PHE A 254 -5.39 -3.51 5.35
C PHE A 254 -4.96 -2.05 5.10
N THR A 255 -3.67 -1.78 5.27
CA THR A 255 -3.13 -0.43 5.07
C THR A 255 -1.91 -0.45 4.16
N PHE A 256 -1.87 0.47 3.21
CA PHE A 256 -0.74 0.58 2.29
C PHE A 256 -0.40 2.05 2.03
N GLY A 257 0.89 2.36 2.08
CA GLY A 257 1.34 3.74 1.89
C GLY A 257 1.90 3.99 0.49
N GLU A 258 2.21 5.26 0.22
CA GLU A 258 2.76 5.62 -1.07
C GLU A 258 4.20 6.09 -0.91
N TRP A 259 5.12 5.30 -1.46
CA TRP A 259 6.53 5.63 -1.41
C TRP A 259 7.03 5.60 -2.85
N PHE A 260 6.96 6.74 -3.51
CA PHE A 260 7.36 6.85 -4.90
C PHE A 260 8.78 6.41 -5.20
N LEU A 261 8.91 5.53 -6.18
CA LEU A 261 10.20 5.06 -6.65
C LEU A 261 10.16 5.38 -8.14
N GLY A 262 11.24 5.96 -8.67
CA GLY A 262 11.28 6.33 -10.08
C GLY A 262 11.71 5.16 -10.95
N THR A 263 11.93 5.42 -12.24
CA THR A 263 12.35 4.38 -13.16
C THR A 263 13.70 3.81 -12.73
N ASN A 264 13.79 2.48 -12.69
CA ASN A 264 15.02 1.81 -12.32
C ASN A 264 15.46 2.12 -10.89
N GLU A 265 14.61 2.80 -10.13
CA GLU A 265 14.95 3.14 -8.76
C GLU A 265 14.65 2.09 -7.71
N ILE A 266 15.64 1.82 -6.87
CA ILE A 266 15.50 0.89 -5.76
C ILE A 266 16.04 1.59 -4.54
N ASP A 267 15.28 1.61 -3.46
CA ASP A 267 15.70 2.30 -2.25
C ASP A 267 15.62 1.37 -1.03
N VAL A 268 16.77 1.13 -0.41
CA VAL A 268 16.80 0.26 0.77
C VAL A 268 15.93 0.75 1.92
N ASN A 269 15.57 2.03 1.93
CA ASN A 269 14.70 2.56 2.98
C ASN A 269 13.29 2.11 2.66
N ASN A 270 12.97 2.13 1.37
CA ASN A 270 11.67 1.72 0.87
C ASN A 270 11.39 0.28 1.28
N THR A 271 12.39 -0.59 1.09
CA THR A 271 12.27 -2.00 1.43
C THR A 271 12.09 -2.19 2.92
N TYR A 272 12.93 -1.50 3.70
CA TYR A 272 12.90 -1.59 5.15
C TYR A 272 11.55 -1.14 5.72
N PHE A 273 11.02 -0.06 5.15
CA PHE A 273 9.74 0.49 5.55
C PHE A 273 8.63 -0.54 5.31
N ALA A 274 8.59 -1.09 4.10
CA ALA A 274 7.59 -2.08 3.74
C ALA A 274 7.65 -3.27 4.69
N ASN A 275 8.87 -3.63 5.10
CA ASN A 275 9.08 -4.76 5.98
C ASN A 275 8.93 -4.53 7.47
N GLU A 276 9.01 -3.28 7.94
CA GLU A 276 8.91 -3.04 9.38
C GLU A 276 7.85 -2.08 9.89
N SER A 277 7.34 -1.22 9.02
CA SER A 277 6.35 -0.22 9.41
C SER A 277 5.01 -0.73 9.94
N GLY A 278 4.63 -1.93 9.52
CA GLY A 278 3.35 -2.49 9.95
C GLY A 278 2.32 -2.19 8.87
N MET A 279 2.79 -1.60 7.78
CA MET A 279 1.93 -1.28 6.65
C MET A 279 2.55 -1.80 5.35
N SER A 280 1.76 -1.82 4.29
CA SER A 280 2.21 -2.30 3.00
C SER A 280 2.50 -1.12 2.09
N LEU A 281 3.11 -1.39 0.94
CA LEU A 281 3.43 -0.33 0.00
C LEU A 281 2.89 -0.60 -1.41
N LEU A 282 2.77 0.46 -2.18
CA LEU A 282 2.33 0.37 -3.58
C LEU A 282 3.62 0.02 -4.32
N ASP A 283 3.57 -1.04 -5.13
CA ASP A 283 4.75 -1.49 -5.87
C ASP A 283 5.12 -0.54 -7.01
N PHE A 284 6.07 0.35 -6.76
CA PHE A 284 6.53 1.28 -7.79
C PHE A 284 7.59 0.59 -8.62
N ARG A 285 8.22 -0.43 -8.04
CA ARG A 285 9.22 -1.21 -8.75
C ARG A 285 8.48 -2.00 -9.81
N PHE A 286 7.32 -2.54 -9.43
CA PHE A 286 6.47 -3.30 -10.34
C PHE A 286 6.00 -2.34 -11.43
N SER A 287 5.15 -1.40 -11.04
CA SER A 287 4.59 -0.40 -11.96
C SER A 287 5.55 0.21 -12.98
N GLN A 288 6.68 0.74 -12.51
CA GLN A 288 7.65 1.36 -13.42
C GLN A 288 8.22 0.38 -14.43
N LYS A 289 8.59 -0.80 -13.97
CA LYS A 289 9.14 -1.83 -14.87
C LYS A 289 8.09 -2.20 -15.92
N VAL A 290 6.86 -2.45 -15.45
CA VAL A 290 5.78 -2.80 -16.35
C VAL A 290 5.65 -1.78 -17.49
N ARG A 291 5.77 -0.50 -17.16
CA ARG A 291 5.63 0.55 -18.17
C ARG A 291 6.80 0.60 -19.12
N GLN A 292 7.99 0.26 -18.61
CA GLN A 292 9.20 0.25 -19.43
C GLN A 292 9.04 -0.80 -20.54
N VAL A 293 8.50 -1.94 -20.16
CA VAL A 293 8.31 -3.09 -21.06
C VAL A 293 7.09 -3.09 -21.99
N PHE A 294 5.93 -2.69 -21.48
CA PHE A 294 4.71 -2.70 -22.29
C PHE A 294 4.33 -1.34 -22.87
N ARG A 295 4.81 -0.27 -22.26
CA ARG A 295 4.45 1.06 -22.72
C ARG A 295 5.51 1.94 -23.37
N ASP A 296 6.70 2.00 -22.79
CA ASP A 296 7.74 2.88 -23.33
C ASP A 296 8.89 2.23 -24.08
N ASN A 297 8.96 0.90 -24.03
CA ASN A 297 10.00 0.18 -24.74
C ASN A 297 11.42 0.58 -24.33
N THR A 298 11.65 0.69 -23.04
CA THR A 298 12.98 1.03 -22.55
C THR A 298 13.57 -0.15 -21.81
N ASP A 299 12.87 -1.28 -21.89
CA ASP A 299 13.34 -2.52 -21.31
C ASP A 299 12.65 -3.70 -21.96
N THR A 300 13.22 -4.89 -21.78
CA THR A 300 12.66 -6.11 -22.36
C THR A 300 12.07 -7.01 -21.29
N MET A 301 11.63 -8.19 -21.70
CA MET A 301 11.01 -9.16 -20.79
C MET A 301 11.99 -9.72 -19.75
N TYR A 302 13.29 -9.63 -20.02
CA TYR A 302 14.29 -10.12 -19.08
C TYR A 302 14.34 -9.20 -17.87
N GLY A 303 13.94 -7.95 -18.08
CA GLY A 303 13.93 -6.96 -17.01
C GLY A 303 12.65 -7.07 -16.20
N LEU A 304 11.62 -7.62 -16.84
CA LEU A 304 10.34 -7.81 -16.18
C LEU A 304 10.52 -8.95 -15.20
N ASP A 305 11.30 -9.95 -15.60
CA ASP A 305 11.57 -11.12 -14.76
C ASP A 305 12.53 -10.79 -13.61
N SER A 306 13.54 -9.97 -13.87
CA SER A 306 14.48 -9.61 -12.81
C SER A 306 13.72 -8.88 -11.72
N MET A 307 12.73 -8.08 -12.13
CA MET A 307 11.90 -7.34 -11.19
C MET A 307 11.08 -8.33 -10.36
N ILE A 308 10.43 -9.26 -11.05
CA ILE A 308 9.62 -10.28 -10.38
C ILE A 308 10.50 -11.02 -9.37
N GLN A 309 11.69 -11.39 -9.80
CA GLN A 309 12.62 -12.13 -8.96
C GLN A 309 13.19 -11.33 -7.78
N SER A 310 13.79 -10.19 -8.06
CA SER A 310 14.39 -9.36 -7.01
C SER A 310 13.37 -8.84 -6.01
N THR A 311 12.21 -8.47 -6.53
CA THR A 311 11.12 -7.95 -5.72
C THR A 311 10.67 -9.00 -4.69
N ALA A 312 10.79 -10.27 -5.06
CA ALA A 312 10.40 -11.38 -4.17
C ALA A 312 11.44 -11.70 -3.11
N SER A 313 12.65 -11.15 -3.27
CA SER A 313 13.72 -11.38 -2.30
C SER A 313 13.76 -10.24 -1.27
N ASP A 314 13.46 -9.03 -1.73
CA ASP A 314 13.49 -7.85 -0.88
C ASP A 314 12.28 -7.64 0.02
N TYR A 315 11.12 -8.11 -0.42
CA TYR A 315 9.89 -7.93 0.35
C TYR A 315 9.45 -9.18 1.09
N ASN A 316 9.30 -9.03 2.40
CA ASN A 316 8.89 -10.13 3.27
C ASN A 316 7.46 -10.55 2.98
N PHE A 317 6.65 -9.61 2.55
CA PHE A 317 5.25 -9.86 2.29
C PHE A 317 4.81 -9.42 0.90
N ILE A 318 5.35 -10.06 -0.15
CA ILE A 318 5.01 -9.70 -1.52
C ILE A 318 3.54 -9.83 -1.89
N ASN A 319 2.80 -10.66 -1.15
CA ASN A 319 1.39 -10.85 -1.44
C ASN A 319 0.60 -9.61 -1.02
N ASP A 320 1.30 -8.70 -0.34
CA ASP A 320 0.67 -7.48 0.15
C ASP A 320 1.01 -6.27 -0.70
N MET A 321 1.94 -6.44 -1.62
CA MET A 321 2.37 -5.35 -2.50
C MET A 321 1.26 -4.93 -3.46
N VAL A 322 0.89 -3.65 -3.41
CA VAL A 322 -0.16 -3.12 -4.27
C VAL A 322 0.36 -2.70 -5.65
N THR A 323 0.06 -3.52 -6.65
CA THR A 323 0.50 -3.31 -8.02
C THR A 323 -0.45 -2.45 -8.84
N PHE A 324 0.10 -1.79 -9.85
CA PHE A 324 -0.67 -0.91 -10.73
C PHE A 324 0.18 -0.57 -11.95
N ILE A 325 -0.46 -0.07 -13.01
CA ILE A 325 0.26 0.29 -14.22
C ILE A 325 0.26 1.80 -14.39
N ASP A 326 -0.57 2.48 -13.62
CA ASP A 326 -0.64 3.93 -13.66
C ASP A 326 -1.55 4.46 -12.55
N ASN A 327 -1.52 5.77 -12.33
CA ASN A 327 -2.33 6.40 -11.30
C ASN A 327 -2.51 7.88 -11.52
N HIS A 328 -3.08 8.57 -10.54
CA HIS A 328 -3.34 10.00 -10.62
C HIS A 328 -2.08 10.86 -10.77
N ASP A 329 -0.92 10.27 -10.57
CA ASP A 329 0.33 11.03 -10.68
C ASP A 329 1.11 10.71 -11.96
N MET A 330 0.93 9.50 -12.47
CA MET A 330 1.62 9.07 -13.69
C MET A 330 0.80 9.46 -14.93
N ASP A 331 1.48 9.50 -16.08
CA ASP A 331 0.84 9.80 -17.37
C ASP A 331 -0.06 8.59 -17.60
N ARG A 332 -1.24 8.78 -18.19
CA ARG A 332 -2.10 7.64 -18.42
C ARG A 332 -1.44 6.62 -19.32
N PHE A 333 -1.51 5.33 -18.92
CA PHE A 333 -0.89 4.23 -19.66
C PHE A 333 -1.20 4.21 -21.16
N TYR A 334 -2.46 4.40 -21.53
CA TYR A 334 -2.82 4.41 -22.95
C TYR A 334 -2.40 5.74 -23.53
N ASN A 335 -1.47 5.68 -24.47
CA ASN A 335 -0.92 6.87 -25.12
C ASN A 335 -1.29 7.00 -26.61
N GLY A 336 -2.29 6.23 -27.04
CA GLY A 336 -2.71 6.28 -28.44
C GLY A 336 -2.12 5.09 -29.21
N GLY A 337 -2.63 4.84 -30.41
CA GLY A 337 -2.15 3.73 -31.21
C GLY A 337 -2.81 2.46 -30.70
N SER A 338 -2.09 1.34 -30.80
CA SER A 338 -2.63 0.06 -30.35
C SER A 338 -2.97 0.04 -28.86
N THR A 339 -4.13 -0.54 -28.54
CA THR A 339 -4.56 -0.65 -27.16
C THR A 339 -4.11 -2.00 -26.59
N ARG A 340 -3.50 -2.83 -27.43
CA ARG A 340 -3.04 -4.15 -26.99
C ARG A 340 -2.10 -4.05 -25.79
N PRO A 341 -1.15 -3.12 -25.86
CA PRO A 341 -0.19 -2.92 -24.78
C PRO A 341 -0.87 -2.76 -23.40
N VAL A 342 -1.90 -1.91 -23.32
CA VAL A 342 -2.59 -1.72 -22.05
C VAL A 342 -3.27 -3.01 -21.64
N GLU A 343 -3.92 -3.64 -22.62
CA GLU A 343 -4.63 -4.90 -22.39
C GLU A 343 -3.72 -5.99 -21.84
N GLN A 344 -2.49 -6.05 -22.33
CA GLN A 344 -1.53 -7.05 -21.89
C GLN A 344 -1.00 -6.70 -20.51
N ALA A 345 -0.85 -5.40 -20.26
CA ALA A 345 -0.37 -4.90 -18.97
C ALA A 345 -1.39 -5.22 -17.87
N LEU A 346 -2.67 -5.08 -18.20
CA LEU A 346 -3.75 -5.34 -17.27
C LEU A 346 -3.86 -6.83 -16.93
N ALA A 347 -3.65 -7.68 -17.95
CA ALA A 347 -3.71 -9.12 -17.74
C ALA A 347 -2.54 -9.58 -16.89
N PHE A 348 -1.36 -9.04 -17.21
CA PHE A 348 -0.14 -9.37 -16.48
C PHE A 348 -0.24 -8.93 -15.04
N THR A 349 -0.75 -7.72 -14.83
CA THR A 349 -0.90 -7.19 -13.49
C THR A 349 -1.94 -8.01 -12.74
N LEU A 350 -3.04 -8.32 -13.42
CA LEU A 350 -4.16 -9.05 -12.83
C LEU A 350 -3.91 -10.51 -12.46
N THR A 351 -2.90 -11.13 -13.06
CA THR A 351 -2.61 -12.52 -12.77
C THR A 351 -1.33 -12.68 -11.98
N SER A 352 -0.67 -11.57 -11.71
CA SER A 352 0.59 -11.57 -10.98
C SER A 352 0.40 -11.46 -9.46
N ARG A 353 1.51 -11.54 -8.74
CA ARG A 353 1.47 -11.46 -7.28
C ARG A 353 1.14 -10.07 -6.75
N GLY A 354 0.57 -10.03 -5.55
CA GLY A 354 0.22 -8.77 -4.90
C GLY A 354 -1.26 -8.46 -4.80
N VAL A 355 -1.60 -7.19 -5.00
CA VAL A 355 -2.97 -6.71 -4.94
C VAL A 355 -3.18 -5.71 -6.07
N PRO A 356 -3.86 -6.14 -7.13
CA PRO A 356 -4.07 -5.26 -8.28
C PRO A 356 -4.97 -4.08 -7.99
N ALA A 357 -4.51 -2.90 -8.41
CA ALA A 357 -5.26 -1.66 -8.26
C ALA A 357 -5.39 -1.14 -9.68
N ILE A 358 -6.61 -0.75 -10.07
CA ILE A 358 -6.82 -0.25 -11.43
C ILE A 358 -7.35 1.17 -11.41
N TYR A 359 -6.58 2.08 -12.00
CA TYR A 359 -6.98 3.48 -12.06
C TYR A 359 -8.27 3.60 -12.89
N TYR A 360 -9.23 4.37 -12.40
CA TYR A 360 -10.52 4.53 -13.08
C TYR A 360 -10.35 5.05 -14.51
N GLY A 361 -11.13 4.52 -15.45
CA GLY A 361 -11.07 4.97 -16.84
C GLY A 361 -10.02 4.25 -17.69
N THR A 362 -9.30 3.33 -17.08
CA THR A 362 -8.30 2.57 -17.82
C THR A 362 -9.06 1.70 -18.80
N GLU A 363 -10.05 0.99 -18.29
CA GLU A 363 -10.91 0.10 -19.06
C GLU A 363 -11.59 0.84 -20.22
N GLN A 364 -11.60 2.17 -20.16
CA GLN A 364 -12.22 2.97 -21.21
C GLN A 364 -11.20 3.65 -22.11
N TYR A 365 -9.94 3.24 -22.01
CA TYR A 365 -8.87 3.79 -22.84
C TYR A 365 -8.62 5.28 -22.68
N MET A 366 -8.95 5.84 -21.52
CA MET A 366 -8.73 7.25 -21.27
C MET A 366 -7.24 7.61 -21.40
N THR A 367 -6.97 8.78 -21.95
CA THR A 367 -5.61 9.25 -22.11
C THR A 367 -5.43 10.56 -21.36
N GLY A 368 -4.18 10.92 -21.08
CA GLY A 368 -3.89 12.14 -20.36
C GLY A 368 -2.52 12.05 -19.71
N ASN A 369 -1.58 12.80 -20.27
CA ASN A 369 -0.22 12.82 -19.76
C ASN A 369 -0.01 13.99 -18.81
N GLY A 370 0.13 13.68 -17.53
CA GLY A 370 0.43 14.70 -16.55
C GLY A 370 -0.75 15.23 -15.78
N ASP A 371 -0.47 15.60 -14.54
CA ASP A 371 -1.46 16.18 -13.66
C ASP A 371 -1.62 17.59 -14.21
N PRO A 372 -2.84 18.05 -14.44
CA PRO A 372 -4.05 17.30 -14.11
C PRO A 372 -4.74 16.60 -15.28
N TYR A 373 -4.17 16.70 -16.48
CA TYR A 373 -4.78 16.07 -17.64
C TYR A 373 -5.11 14.59 -17.45
N ASN A 374 -4.40 13.93 -16.54
CA ASN A 374 -4.61 12.51 -16.27
C ASN A 374 -5.72 12.27 -15.27
N ARG A 375 -6.50 13.32 -14.98
CA ARG A 375 -7.60 13.25 -14.03
C ARG A 375 -8.88 13.81 -14.63
N ALA A 376 -9.14 13.49 -15.89
CA ALA A 376 -10.33 13.96 -16.58
C ALA A 376 -11.58 13.22 -16.11
N MET A 377 -12.74 13.82 -16.33
CA MET A 377 -14.00 13.21 -15.93
C MET A 377 -14.21 11.88 -16.64
N MET A 378 -14.84 10.92 -15.94
CA MET A 378 -15.12 9.60 -16.49
C MET A 378 -15.78 9.75 -17.85
N THR A 379 -15.05 9.34 -18.87
CA THR A 379 -15.49 9.42 -20.23
C THR A 379 -16.84 8.78 -20.46
N SER A 380 -16.83 7.45 -20.50
CA SER A 380 -18.02 6.68 -20.72
C SER A 380 -18.01 5.44 -19.86
N PHE A 381 -19.16 4.81 -19.76
CA PHE A 381 -19.30 3.59 -18.98
C PHE A 381 -19.71 2.47 -19.91
N ASN A 382 -18.95 2.30 -20.97
CA ASN A 382 -19.18 1.26 -21.97
C ASN A 382 -18.55 -0.07 -21.53
N THR A 383 -19.37 -1.12 -21.53
CA THR A 383 -18.91 -2.44 -21.12
C THR A 383 -18.44 -3.34 -22.25
N SER A 384 -18.35 -2.81 -23.46
CA SER A 384 -17.92 -3.62 -24.61
C SER A 384 -16.42 -3.65 -24.83
N THR A 385 -15.72 -2.66 -24.30
CA THR A 385 -14.28 -2.58 -24.46
C THR A 385 -13.57 -3.88 -24.10
N THR A 386 -12.54 -4.21 -24.87
CA THR A 386 -11.76 -5.41 -24.62
C THR A 386 -11.19 -5.33 -23.22
N ALA A 387 -10.75 -4.13 -22.82
CA ALA A 387 -10.19 -3.91 -21.50
C ALA A 387 -11.17 -4.27 -20.41
N TYR A 388 -12.39 -3.76 -20.52
CA TYR A 388 -13.42 -4.05 -19.54
C TYR A 388 -13.63 -5.55 -19.39
N ASN A 389 -13.51 -6.28 -20.50
CA ASN A 389 -13.71 -7.74 -20.48
C ASN A 389 -12.52 -8.56 -20.01
N VAL A 390 -11.32 -8.03 -20.19
CA VAL A 390 -10.11 -8.69 -19.73
C VAL A 390 -10.20 -8.72 -18.21
N ILE A 391 -10.60 -7.59 -17.63
CA ILE A 391 -10.76 -7.46 -16.18
C ILE A 391 -11.88 -8.39 -15.72
N LYS A 392 -13.00 -8.34 -16.44
CA LYS A 392 -14.16 -9.17 -16.14
C LYS A 392 -13.72 -10.63 -16.02
N LYS A 393 -13.03 -11.13 -17.04
CA LYS A 393 -12.55 -12.50 -17.07
C LYS A 393 -11.41 -12.83 -16.11
N LEU A 394 -10.49 -11.89 -15.92
CA LEU A 394 -9.33 -12.14 -15.05
C LEU A 394 -9.50 -11.85 -13.57
N ALA A 395 -10.24 -10.80 -13.25
CA ALA A 395 -10.44 -10.42 -11.86
C ALA A 395 -10.91 -11.55 -10.94
N PRO A 396 -11.93 -12.28 -11.37
CA PRO A 396 -12.50 -13.36 -10.58
C PRO A 396 -11.55 -14.51 -10.23
N LEU A 397 -10.53 -14.73 -11.05
CA LEU A 397 -9.57 -15.81 -10.81
C LEU A 397 -8.85 -15.65 -9.48
N ARG A 398 -8.75 -14.42 -9.00
CA ARG A 398 -8.07 -14.12 -7.75
C ARG A 398 -8.83 -14.64 -6.54
N LYS A 399 -10.07 -15.07 -6.76
CA LYS A 399 -10.90 -15.61 -5.69
C LYS A 399 -11.08 -17.11 -5.94
N SER A 400 -11.00 -17.50 -7.21
CA SER A 400 -11.20 -18.89 -7.59
C SER A 400 -9.93 -19.72 -7.58
N ASN A 401 -8.80 -19.10 -7.89
CA ASN A 401 -7.53 -19.81 -7.93
C ASN A 401 -6.56 -19.29 -6.88
N PRO A 402 -6.32 -20.09 -5.83
CA PRO A 402 -5.42 -19.69 -4.76
C PRO A 402 -4.02 -19.44 -5.30
N ALA A 403 -3.69 -20.08 -6.41
CA ALA A 403 -2.38 -19.92 -7.03
C ALA A 403 -2.14 -18.48 -7.46
N ILE A 404 -3.18 -17.85 -7.99
CA ILE A 404 -3.07 -16.48 -8.47
C ILE A 404 -3.01 -15.47 -7.34
N ALA A 405 -3.71 -15.76 -6.25
CA ALA A 405 -3.74 -14.88 -5.10
C ALA A 405 -2.49 -15.01 -4.24
N TYR A 406 -2.15 -16.23 -3.85
CA TYR A 406 -1.02 -16.48 -2.97
C TYR A 406 0.21 -17.18 -3.53
N GLY A 407 0.07 -17.81 -4.68
CA GLY A 407 1.17 -18.56 -5.28
C GLY A 407 2.47 -17.83 -5.56
N THR A 408 3.54 -18.60 -5.77
CA THR A 408 4.84 -18.06 -6.10
C THR A 408 4.82 -17.81 -7.61
N THR A 409 5.87 -17.20 -8.13
CA THR A 409 5.93 -16.95 -9.56
C THR A 409 7.20 -17.57 -10.13
N GLN A 410 7.08 -18.21 -11.29
CA GLN A 410 8.23 -18.84 -11.92
C GLN A 410 8.22 -18.69 -13.43
N GLN A 411 9.34 -18.23 -13.98
CA GLN A 411 9.49 -18.06 -15.42
C GLN A 411 9.69 -19.43 -16.06
N ARG A 412 8.83 -19.78 -17.01
CA ARG A 412 8.95 -21.09 -17.66
C ARG A 412 9.45 -21.01 -19.09
N TRP A 413 9.48 -19.80 -19.65
CA TRP A 413 9.95 -19.57 -21.01
C TRP A 413 10.16 -18.07 -21.17
N ILE A 414 11.20 -17.68 -21.90
CA ILE A 414 11.47 -16.27 -22.06
C ILE A 414 12.45 -15.85 -23.15
N ASN A 415 12.16 -14.73 -23.77
CA ASN A 415 13.03 -14.10 -24.74
C ASN A 415 12.83 -12.59 -24.59
N ASN A 416 13.29 -11.80 -25.54
CA ASN A 416 13.14 -10.35 -25.42
C ASN A 416 11.68 -9.91 -25.38
N ASP A 417 10.82 -10.64 -26.10
CA ASP A 417 9.41 -10.27 -26.25
C ASP A 417 8.38 -11.12 -25.55
N VAL A 418 8.72 -12.37 -25.28
CA VAL A 418 7.79 -13.31 -24.68
C VAL A 418 8.07 -13.60 -23.21
N TYR A 419 6.99 -13.65 -22.42
CA TYR A 419 7.12 -13.94 -21.00
C TYR A 419 6.09 -14.98 -20.62
N ILE A 420 6.56 -16.17 -20.25
CA ILE A 420 5.67 -17.25 -19.83
C ILE A 420 6.03 -17.57 -18.39
N TYR A 421 5.08 -17.33 -17.49
CA TYR A 421 5.33 -17.58 -16.08
C TYR A 421 4.24 -18.42 -15.46
N GLU A 422 4.56 -18.96 -14.29
CA GLU A 422 3.65 -19.84 -13.59
C GLU A 422 3.41 -19.40 -12.16
N ARG A 423 2.15 -19.42 -11.77
CA ARG A 423 1.76 -19.08 -10.40
C ARG A 423 1.40 -20.43 -9.77
N LYS A 424 2.04 -20.75 -8.66
CA LYS A 424 1.80 -22.04 -8.01
C LYS A 424 1.57 -21.92 -6.52
N PHE A 425 0.51 -22.56 -6.04
CA PHE A 425 0.18 -22.60 -4.63
C PHE A 425 -0.22 -24.06 -4.38
N GLY A 426 0.76 -24.87 -4.01
CA GLY A 426 0.50 -26.28 -3.78
C GLY A 426 0.27 -26.90 -5.16
N ASN A 427 -0.86 -27.58 -5.32
CA ASN A 427 -1.18 -28.20 -6.59
C ASN A 427 -1.98 -27.28 -7.51
N ASN A 428 -2.40 -26.12 -7.00
CA ASN A 428 -3.13 -25.17 -7.83
C ASN A 428 -2.11 -24.48 -8.71
N VAL A 429 -2.41 -24.40 -10.00
CA VAL A 429 -1.48 -23.80 -10.95
C VAL A 429 -2.15 -22.83 -11.91
N ALA A 430 -1.38 -21.85 -12.34
CA ALA A 430 -1.83 -20.85 -13.32
C ALA A 430 -0.62 -20.55 -14.20
N LEU A 431 -0.80 -20.67 -15.50
CA LEU A 431 0.30 -20.43 -16.45
C LEU A 431 -0.13 -19.33 -17.41
N VAL A 432 0.71 -18.31 -17.55
CA VAL A 432 0.40 -17.19 -18.41
C VAL A 432 1.43 -16.95 -19.51
N ALA A 433 0.95 -16.75 -20.73
CA ALA A 433 1.82 -16.51 -21.87
C ALA A 433 1.55 -15.15 -22.47
N ILE A 434 2.58 -14.33 -22.60
CA ILE A 434 2.42 -13.00 -23.16
C ILE A 434 3.45 -12.67 -24.22
N ASN A 435 2.98 -12.31 -25.42
CA ASN A 435 3.85 -11.91 -26.51
C ASN A 435 3.63 -10.42 -26.72
N ARG A 436 4.58 -9.60 -26.31
CA ARG A 436 4.45 -8.15 -26.44
C ARG A 436 4.66 -7.66 -27.87
N ASN A 437 5.32 -8.48 -28.69
CA ASN A 437 5.58 -8.12 -30.08
C ASN A 437 4.27 -8.13 -30.86
N LEU A 438 3.88 -6.97 -31.39
CA LEU A 438 2.64 -6.84 -32.13
C LEU A 438 2.74 -7.22 -33.60
N SER A 439 3.88 -7.74 -34.03
CA SER A 439 4.04 -8.09 -35.43
C SER A 439 4.86 -9.36 -35.66
N THR A 440 5.21 -10.06 -34.60
CA THR A 440 6.00 -11.27 -34.72
C THR A 440 5.47 -12.41 -33.88
N SER A 441 5.36 -13.58 -34.49
CA SER A 441 4.88 -14.76 -33.78
C SER A 441 6.07 -15.59 -33.36
N TYR A 442 5.90 -16.37 -32.29
CA TYR A 442 7.00 -17.20 -31.81
C TYR A 442 6.62 -18.66 -31.68
N ASN A 443 7.59 -19.52 -31.95
CA ASN A 443 7.36 -20.95 -31.83
C ASN A 443 7.86 -21.39 -30.46
N ILE A 444 6.93 -21.66 -29.56
CA ILE A 444 7.31 -22.05 -28.20
C ILE A 444 7.58 -23.54 -28.07
N THR A 445 8.85 -23.87 -27.87
CA THR A 445 9.26 -25.25 -27.71
C THR A 445 10.11 -25.35 -26.44
N GLY A 446 10.08 -26.52 -25.81
CA GLY A 446 10.85 -26.74 -24.59
C GLY A 446 10.16 -26.20 -23.34
N LEU A 447 8.86 -25.98 -23.43
CA LEU A 447 8.09 -25.47 -22.30
C LEU A 447 7.61 -26.58 -21.37
N TYR A 448 7.85 -26.39 -20.08
CA TYR A 448 7.43 -27.35 -19.05
C TYR A 448 6.54 -26.63 -18.02
N THR A 449 5.65 -27.37 -17.38
CA THR A 449 4.74 -26.78 -16.42
C THR A 449 4.30 -27.74 -15.32
N ALA A 450 3.77 -27.19 -14.23
CA ALA A 450 3.29 -27.99 -13.10
C ALA A 450 1.83 -28.40 -13.33
N LEU A 451 1.23 -27.86 -14.40
CA LEU A 451 -0.14 -28.19 -14.73
C LEU A 451 -0.18 -29.68 -15.00
N PRO A 452 -1.24 -30.34 -14.56
CA PRO A 452 -1.39 -31.77 -14.77
C PRO A 452 -1.60 -32.10 -16.25
N ALA A 453 -1.15 -33.28 -16.67
CA ALA A 453 -1.30 -33.72 -18.05
C ALA A 453 -2.75 -33.57 -18.45
N GLY A 454 -2.97 -32.93 -19.59
CA GLY A 454 -4.32 -32.72 -20.08
C GLY A 454 -4.31 -31.62 -21.12
N THR A 455 -5.51 -31.28 -21.58
CA THR A 455 -5.70 -30.24 -22.57
C THR A 455 -6.28 -29.06 -21.81
N TYR A 456 -5.70 -27.89 -22.03
CA TYR A 456 -6.13 -26.70 -21.33
C TYR A 456 -6.55 -25.61 -22.28
N THR A 457 -7.74 -25.05 -22.06
CA THR A 457 -8.23 -23.99 -22.91
C THR A 457 -7.89 -22.63 -22.32
N ASP A 458 -7.98 -21.60 -23.14
CA ASP A 458 -7.68 -20.24 -22.71
C ASP A 458 -8.79 -19.68 -21.83
N VAL A 459 -8.41 -19.27 -20.62
CA VAL A 459 -9.36 -18.69 -19.67
C VAL A 459 -10.02 -17.44 -20.24
N LEU A 460 -9.27 -16.73 -21.09
CA LEU A 460 -9.77 -15.50 -21.71
C LEU A 460 -10.71 -15.74 -22.87
N GLY A 461 -10.85 -17.00 -23.28
CA GLY A 461 -11.72 -17.37 -24.39
C GLY A 461 -11.28 -16.76 -25.72
N GLY A 462 -9.97 -16.75 -25.96
CA GLY A 462 -9.44 -16.20 -27.20
C GLY A 462 -9.56 -14.69 -27.32
N LEU A 463 -9.99 -14.03 -26.25
CA LEU A 463 -10.15 -12.58 -26.25
C LEU A 463 -8.87 -11.89 -26.72
N LEU A 464 -7.72 -12.38 -26.26
CA LEU A 464 -6.44 -11.80 -26.65
C LEU A 464 -5.65 -12.78 -27.53
N ASN A 465 -6.38 -13.45 -28.42
CA ASN A 465 -5.80 -14.40 -29.37
C ASN A 465 -5.24 -15.67 -28.76
N GLY A 466 -5.50 -15.88 -27.48
CA GLY A 466 -5.00 -17.07 -26.81
C GLY A 466 -5.70 -18.33 -27.35
N ASN A 467 -5.09 -19.48 -27.11
CA ASN A 467 -5.64 -20.75 -27.53
C ASN A 467 -5.38 -21.80 -26.46
N SER A 468 -5.76 -23.04 -26.75
CA SER A 468 -5.58 -24.12 -25.80
C SER A 468 -4.23 -24.79 -25.96
N ILE A 469 -3.85 -25.61 -24.99
CA ILE A 469 -2.58 -26.32 -25.04
C ILE A 469 -2.73 -27.74 -24.50
N SER A 470 -1.71 -28.55 -24.74
CA SER A 470 -1.72 -29.93 -24.27
C SER A 470 -0.43 -30.19 -23.51
N VAL A 471 -0.58 -30.70 -22.28
CA VAL A 471 0.56 -31.00 -21.42
C VAL A 471 0.67 -32.51 -21.23
N ALA A 472 1.91 -33.00 -21.16
CA ALA A 472 2.15 -34.42 -21.00
C ALA A 472 2.45 -34.82 -19.55
N SER A 473 2.56 -36.12 -19.32
CA SER A 473 2.82 -36.66 -17.99
C SER A 473 4.09 -36.09 -17.39
N ASP A 474 5.06 -35.78 -18.24
CA ASP A 474 6.33 -35.22 -17.79
C ASP A 474 6.31 -33.70 -17.72
N GLY A 475 5.10 -33.13 -17.73
CA GLY A 475 4.93 -31.69 -17.64
C GLY A 475 5.26 -30.92 -18.92
N SER A 476 5.80 -31.61 -19.91
CA SER A 476 6.14 -30.96 -21.17
C SER A 476 4.88 -30.50 -21.90
N VAL A 477 4.98 -29.38 -22.60
CA VAL A 477 3.87 -28.83 -23.34
C VAL A 477 4.12 -28.99 -24.84
N THR A 478 3.12 -29.48 -25.57
CA THR A 478 3.26 -29.66 -27.02
C THR A 478 3.57 -28.31 -27.62
N PRO A 479 4.58 -28.27 -28.50
CA PRO A 479 5.00 -27.04 -29.14
C PRO A 479 3.81 -26.31 -29.73
N PHE A 480 3.79 -24.99 -29.53
CA PHE A 480 2.71 -24.16 -30.03
C PHE A 480 3.29 -22.82 -30.48
N THR A 481 2.51 -22.12 -31.29
CA THR A 481 2.92 -20.83 -31.82
C THR A 481 2.20 -19.70 -31.12
N LEU A 482 2.97 -18.86 -30.43
CA LEU A 482 2.43 -17.71 -29.72
C LEU A 482 2.34 -16.56 -30.72
N SER A 483 1.13 -16.24 -31.16
CA SER A 483 0.95 -15.17 -32.12
C SER A 483 1.29 -13.79 -31.55
N ALA A 484 1.40 -12.82 -32.46
CA ALA A 484 1.73 -11.44 -32.11
C ALA A 484 0.74 -10.82 -31.15
N GLY A 485 1.26 -10.27 -30.05
CA GLY A 485 0.44 -9.62 -29.04
C GLY A 485 -0.52 -10.58 -28.33
N GLU A 486 -0.19 -11.86 -28.33
CA GLU A 486 -1.06 -12.85 -27.69
C GLU A 486 -0.89 -13.02 -26.19
N VAL A 487 -2.02 -13.19 -25.51
CA VAL A 487 -2.03 -13.44 -24.08
C VAL A 487 -2.95 -14.63 -23.86
N ALA A 488 -2.43 -15.67 -23.24
CA ALA A 488 -3.23 -16.85 -22.97
C ALA A 488 -3.04 -17.22 -21.52
N VAL A 489 -4.14 -17.59 -20.87
CA VAL A 489 -4.11 -17.96 -19.47
C VAL A 489 -4.71 -19.35 -19.30
N TRP A 490 -3.90 -20.25 -18.77
CA TRP A 490 -4.33 -21.63 -18.53
C TRP A 490 -4.18 -21.90 -17.04
N GLN A 491 -5.12 -22.66 -16.48
CA GLN A 491 -5.05 -22.93 -15.06
C GLN A 491 -5.65 -24.25 -14.60
N TYR A 492 -5.21 -24.66 -13.41
CA TYR A 492 -5.70 -25.88 -12.79
C TYR A 492 -5.91 -25.56 -11.31
N VAL A 493 -7.11 -25.82 -10.82
CA VAL A 493 -7.41 -25.58 -9.42
C VAL A 493 -7.69 -26.93 -8.76
N SER A 494 -6.78 -27.32 -7.86
CA SER A 494 -6.89 -28.61 -7.17
C SER A 494 -8.18 -28.80 -6.41
N SER A 495 -8.61 -30.05 -6.31
CA SER A 495 -9.83 -30.41 -5.60
C SER A 495 -9.51 -30.59 -4.12
N SER A 496 -8.40 -31.27 -3.85
CA SER A 496 -7.97 -31.52 -2.49
C SER A 496 -6.83 -30.55 -2.19
N ASN A 497 -6.53 -30.36 -0.91
CA ASN A 497 -5.47 -29.46 -0.51
C ASN A 497 -4.85 -29.87 0.80
N SER A 498 -3.54 -29.74 0.90
CA SER A 498 -2.85 -30.02 2.14
C SER A 498 -2.81 -28.61 2.76
N PRO A 499 -2.59 -28.53 4.07
CA PRO A 499 -2.54 -27.23 4.74
C PRO A 499 -1.52 -26.29 4.12
N LEU A 500 -1.98 -25.16 3.61
CA LEU A 500 -1.09 -24.17 3.00
C LEU A 500 -1.46 -22.76 3.41
N ILE A 501 -0.53 -22.04 4.04
CA ILE A 501 -0.79 -20.67 4.43
C ILE A 501 -0.38 -19.78 3.28
N GLY A 502 -1.33 -18.99 2.76
CA GLY A 502 -1.02 -18.10 1.65
C GLY A 502 -0.96 -16.65 2.13
N HIS A 503 -1.45 -16.41 3.34
CA HIS A 503 -1.47 -15.06 3.88
C HIS A 503 -1.71 -14.99 5.39
N VAL A 504 -1.15 -13.95 6.00
CA VAL A 504 -1.31 -13.67 7.43
C VAL A 504 -1.37 -12.16 7.61
N GLY A 505 -2.39 -11.69 8.33
CA GLY A 505 -2.57 -10.28 8.58
C GLY A 505 -3.30 -10.12 9.91
N PRO A 506 -2.89 -9.11 10.69
CA PRO A 506 -1.82 -8.20 10.29
C PRO A 506 -0.45 -8.80 10.54
N THR A 507 0.58 -8.13 10.03
CA THR A 507 1.96 -8.59 10.20
C THR A 507 2.62 -8.01 11.44
N MET A 508 1.96 -7.06 12.09
CA MET A 508 2.49 -6.43 13.29
C MET A 508 1.47 -6.57 14.41
N THR A 509 1.73 -7.47 15.35
CA THR A 509 0.82 -7.72 16.46
C THR A 509 1.42 -7.57 17.84
N LYS A 510 0.62 -8.01 18.81
CA LYS A 510 0.94 -7.98 20.23
C LYS A 510 0.12 -9.11 20.86
N ALA A 511 0.66 -9.73 21.91
CA ALA A 511 -0.03 -10.81 22.59
C ALA A 511 -1.45 -10.38 23.00
N GLY A 512 -2.40 -11.30 22.87
CA GLY A 512 -3.77 -11.01 23.24
C GLY A 512 -4.57 -10.58 22.02
N GLN A 513 -3.86 -10.22 20.96
CA GLN A 513 -4.53 -9.79 19.73
C GLN A 513 -4.92 -10.99 18.87
N THR A 514 -5.69 -10.71 17.83
CA THR A 514 -6.16 -11.74 16.93
C THR A 514 -5.61 -11.51 15.53
N ILE A 515 -5.13 -12.57 14.90
CA ILE A 515 -4.63 -12.48 13.54
C ILE A 515 -5.37 -13.49 12.68
N THR A 516 -5.40 -13.24 11.37
CA THR A 516 -6.10 -14.13 10.46
C THR A 516 -5.15 -14.85 9.52
N ILE A 517 -5.15 -16.18 9.62
CA ILE A 517 -4.32 -17.02 8.78
C ILE A 517 -5.21 -17.51 7.63
N ASP A 518 -4.80 -17.19 6.40
CA ASP A 518 -5.57 -17.58 5.21
C ASP A 518 -4.83 -18.53 4.28
N GLY A 519 -5.56 -19.50 3.73
CA GLY A 519 -4.98 -20.48 2.82
C GLY A 519 -6.01 -21.53 2.40
N ARG A 520 -5.55 -22.78 2.27
CA ARG A 520 -6.42 -23.88 1.88
C ARG A 520 -6.04 -25.18 2.60
N GLY A 521 -7.03 -26.05 2.80
CA GLY A 521 -6.81 -27.34 3.45
C GLY A 521 -6.60 -27.31 4.96
N PHE A 522 -7.08 -26.26 5.62
CA PHE A 522 -6.94 -26.16 7.07
C PHE A 522 -7.81 -27.18 7.79
N GLY A 523 -8.95 -27.51 7.17
CA GLY A 523 -9.88 -28.48 7.76
C GLY A 523 -11.02 -27.74 8.44
N THR A 524 -12.03 -28.49 8.86
CA THR A 524 -13.21 -27.92 9.50
C THR A 524 -13.19 -28.09 11.02
N THR A 525 -12.37 -29.03 11.49
CA THR A 525 -12.23 -29.27 12.92
C THR A 525 -10.91 -28.63 13.32
N SER A 526 -10.92 -27.83 14.39
CA SER A 526 -9.72 -27.12 14.82
C SER A 526 -8.48 -27.94 15.12
N GLY A 527 -7.35 -27.44 14.65
CA GLY A 527 -6.06 -28.06 14.85
C GLY A 527 -5.24 -27.18 15.79
N GLN A 528 -4.07 -26.75 15.33
CA GLN A 528 -3.18 -25.94 16.14
C GLN A 528 -2.43 -24.87 15.35
N VAL A 529 -2.29 -23.68 15.92
CA VAL A 529 -1.56 -22.60 15.26
C VAL A 529 -0.36 -22.28 16.16
N LEU A 530 0.82 -22.19 15.56
CA LEU A 530 2.03 -21.96 16.34
C LEU A 530 2.88 -20.74 16.00
N PHE A 531 3.23 -19.98 17.04
CA PHE A 531 4.10 -18.83 16.89
C PHE A 531 5.45 -19.35 17.33
N GLY A 532 6.17 -19.93 16.39
CA GLY A 532 7.46 -20.54 16.66
C GLY A 532 7.11 -21.99 17.00
N SER A 533 7.18 -22.33 18.28
CA SER A 533 6.83 -23.65 18.76
C SER A 533 5.81 -23.48 19.88
N THR A 534 5.29 -22.25 20.01
CA THR A 534 4.30 -21.93 21.03
C THR A 534 2.92 -21.85 20.41
N ALA A 535 1.98 -22.61 20.96
CA ALA A 535 0.62 -22.62 20.43
C ALA A 535 -0.18 -21.41 20.89
N GLY A 536 -1.00 -20.88 19.99
CA GLY A 536 -1.85 -19.74 20.30
C GLY A 536 -3.26 -20.25 20.56
N THR A 537 -4.17 -19.33 20.85
CA THR A 537 -5.56 -19.69 21.11
C THR A 537 -6.43 -19.53 19.88
N ILE A 538 -7.07 -20.62 19.46
CA ILE A 538 -7.94 -20.58 18.30
C ILE A 538 -9.23 -19.83 18.60
N VAL A 539 -9.50 -18.79 17.82
CA VAL A 539 -10.70 -18.00 17.98
C VAL A 539 -11.78 -18.54 17.06
N SER A 540 -11.34 -19.08 15.93
CA SER A 540 -12.26 -19.63 14.93
C SER A 540 -11.44 -20.35 13.86
N TRP A 541 -11.87 -21.56 13.50
CA TRP A 541 -11.13 -22.37 12.53
C TRP A 541 -11.95 -22.84 11.33
N ASP A 542 -11.46 -22.53 10.13
CA ASP A 542 -12.13 -22.92 8.89
C ASP A 542 -11.13 -23.39 7.85
N ASP A 543 -11.61 -24.14 6.87
CA ASP A 543 -10.76 -24.68 5.81
C ASP A 543 -9.86 -23.66 5.11
N THR A 544 -10.39 -22.48 4.85
CA THR A 544 -9.65 -21.43 4.16
C THR A 544 -9.14 -20.35 5.11
N GLU A 545 -9.76 -20.22 6.28
CA GLU A 545 -9.36 -19.19 7.22
C GLU A 545 -9.36 -19.62 8.67
N VAL A 546 -8.38 -19.13 9.40
CA VAL A 546 -8.25 -19.42 10.82
C VAL A 546 -7.93 -18.12 11.53
N LYS A 547 -8.62 -17.85 12.62
CA LYS A 547 -8.38 -16.66 13.41
C LYS A 547 -7.80 -17.16 14.73
N VAL A 548 -6.73 -16.52 15.21
CA VAL A 548 -6.07 -16.94 16.43
C VAL A 548 -5.61 -15.78 17.29
N LYS A 549 -5.54 -16.01 18.60
CA LYS A 549 -5.09 -15.01 19.56
C LYS A 549 -3.59 -15.21 19.81
N VAL A 550 -2.82 -14.12 19.72
CA VAL A 550 -1.37 -14.18 19.91
C VAL A 550 -0.93 -14.51 21.33
N PRO A 551 -0.25 -15.64 21.49
CA PRO A 551 0.24 -16.08 22.78
C PRO A 551 1.25 -15.08 23.36
N SER A 552 1.42 -15.13 24.68
CA SER A 552 2.35 -14.23 25.35
C SER A 552 3.76 -14.78 25.25
N VAL A 553 4.40 -14.51 24.10
CA VAL A 553 5.77 -14.95 23.86
C VAL A 553 6.69 -13.75 23.94
N THR A 554 7.99 -14.00 23.96
CA THR A 554 8.97 -12.92 24.00
C THR A 554 8.83 -12.13 22.71
N PRO A 555 8.63 -10.82 22.83
CA PRO A 555 8.48 -9.96 21.66
C PRO A 555 9.55 -10.18 20.59
N GLY A 556 9.16 -10.06 19.33
CA GLY A 556 10.08 -10.25 18.23
C GLY A 556 9.34 -10.85 17.04
N LYS A 557 10.09 -11.19 16.00
CA LYS A 557 9.50 -11.78 14.80
C LYS A 557 9.32 -13.28 14.94
N TYR A 558 8.19 -13.78 14.49
CA TYR A 558 7.87 -15.18 14.61
C TYR A 558 7.42 -15.78 13.29
N ASN A 559 7.66 -17.08 13.13
CA ASN A 559 7.27 -17.80 11.93
C ASN A 559 6.02 -18.61 12.27
N ILE A 560 4.95 -18.39 11.51
CA ILE A 560 3.70 -19.10 11.75
C ILE A 560 3.57 -20.42 10.99
N SER A 561 2.99 -21.41 11.65
CA SER A 561 2.74 -22.71 11.07
C SER A 561 1.42 -23.19 11.66
N LEU A 562 0.74 -24.08 10.92
CA LEU A 562 -0.56 -24.59 11.37
C LEU A 562 -0.60 -26.11 11.23
N LYS A 563 -1.22 -26.75 12.21
CA LYS A 563 -1.35 -28.21 12.20
C LYS A 563 -2.82 -28.60 12.20
N THR A 564 -3.21 -29.38 11.20
CA THR A 564 -4.58 -29.85 11.06
C THR A 564 -4.89 -30.82 12.17
N SER A 565 -6.17 -31.11 12.39
CA SER A 565 -6.57 -32.05 13.43
C SER A 565 -6.02 -33.45 13.16
N SER A 566 -5.60 -33.68 11.93
CA SER A 566 -5.04 -34.97 11.54
C SER A 566 -3.52 -34.96 11.68
N GLY A 567 -3.01 -33.91 12.31
CA GLY A 567 -1.57 -33.77 12.52
C GLY A 567 -0.82 -33.28 11.29
N ALA A 568 -1.56 -32.82 10.28
CA ALA A 568 -0.92 -32.33 9.07
C ALA A 568 -0.33 -30.95 9.33
N THR A 569 0.97 -30.81 9.07
CA THR A 569 1.64 -29.54 9.30
C THR A 569 1.71 -28.74 8.00
N SER A 570 1.48 -27.44 8.12
CA SER A 570 1.49 -26.55 6.98
C SER A 570 2.88 -26.04 6.73
N ASN A 571 2.99 -25.08 5.81
CA ASN A 571 4.24 -24.44 5.49
C ASN A 571 4.29 -23.28 6.48
N THR A 572 5.45 -22.68 6.68
CA THR A 572 5.53 -21.55 7.60
C THR A 572 5.44 -20.24 6.85
N TYR A 573 4.91 -19.24 7.53
CA TYR A 573 4.75 -17.89 6.99
C TYR A 573 5.56 -17.09 7.99
N ASN A 574 6.73 -16.60 7.56
CA ASN A 574 7.62 -15.90 8.49
C ASN A 574 7.60 -14.39 8.66
N ASN A 575 8.33 -13.98 9.69
CA ASN A 575 8.52 -12.58 10.04
C ASN A 575 7.33 -11.77 10.50
N ILE A 576 6.48 -12.36 11.33
CA ILE A 576 5.33 -11.62 11.89
C ILE A 576 5.90 -10.92 13.13
N ASN A 577 5.68 -9.62 13.22
CA ASN A 577 6.22 -8.83 14.31
C ASN A 577 5.37 -8.72 15.55
N ILE A 578 5.80 -9.39 16.62
CA ILE A 578 5.11 -9.34 17.90
C ILE A 578 5.81 -8.28 18.76
N LEU A 579 5.11 -7.19 19.06
CA LEU A 579 5.67 -6.09 19.84
C LEU A 579 5.55 -6.28 21.36
N THR A 580 6.30 -5.47 22.10
CA THR A 580 6.30 -5.50 23.55
C THR A 580 5.01 -4.97 24.12
N GLY A 581 4.45 -3.94 23.48
CA GLY A 581 3.21 -3.37 23.95
C GLY A 581 2.72 -2.22 23.06
N ASN A 582 1.75 -1.47 23.55
CA ASN A 582 1.21 -0.34 22.81
C ASN A 582 2.38 0.57 22.49
N GLN A 583 2.41 1.05 21.25
CA GLN A 583 3.51 1.89 20.80
C GLN A 583 3.40 3.35 21.13
N ILE A 584 4.55 3.97 21.31
CA ILE A 584 4.65 5.39 21.60
C ILE A 584 5.85 5.88 20.80
N CYS A 585 5.76 7.09 20.27
CA CYS A 585 6.85 7.64 19.49
C CYS A 585 7.73 8.56 20.34
N VAL A 586 9.00 8.19 20.49
CA VAL A 586 9.94 8.99 21.28
C VAL A 586 11.10 9.46 20.43
N ARG A 587 11.52 10.71 20.62
CA ARG A 587 12.64 11.27 19.88
C ARG A 587 13.91 11.11 20.69
N PHE A 588 14.85 10.32 20.18
CA PHE A 588 16.12 10.09 20.87
C PHE A 588 17.18 11.05 20.35
N VAL A 589 17.84 11.76 21.25
CA VAL A 589 18.86 12.73 20.88
C VAL A 589 20.17 12.44 21.60
N VAL A 590 21.28 12.54 20.87
CA VAL A 590 22.58 12.30 21.46
C VAL A 590 23.51 13.44 21.07
N ASN A 591 24.07 14.09 22.07
CA ASN A 591 24.96 15.22 21.85
C ASN A 591 26.41 14.77 21.88
N ASN A 592 27.26 15.53 21.19
CA ASN A 592 28.69 15.25 21.15
C ASN A 592 29.10 13.92 20.55
N ALA A 593 28.31 13.43 19.61
CA ALA A 593 28.63 12.18 18.94
C ALA A 593 29.35 12.50 17.62
N SER A 594 30.65 12.71 17.69
CA SER A 594 31.46 13.02 16.50
C SER A 594 31.94 11.76 15.81
N THR A 595 31.86 11.75 14.49
CA THR A 595 32.29 10.59 13.73
C THR A 595 33.30 10.97 12.66
N VAL A 596 34.12 9.99 12.27
CA VAL A 596 35.11 10.23 11.23
C VAL A 596 34.29 10.18 9.93
N TYR A 597 34.93 10.40 8.79
CA TYR A 597 34.20 10.40 7.53
C TYR A 597 33.51 9.09 7.13
N GLY A 598 32.22 9.19 6.82
CA GLY A 598 31.44 8.03 6.39
C GLY A 598 30.99 7.10 7.52
N GLU A 599 31.05 7.60 8.74
CA GLU A 599 30.65 6.84 9.93
C GLU A 599 29.36 7.42 10.49
N ASN A 600 28.43 6.57 10.90
CA ASN A 600 27.15 7.04 11.44
C ASN A 600 26.85 6.58 12.86
N VAL A 601 25.88 7.24 13.50
CA VAL A 601 25.47 6.89 14.86
C VAL A 601 24.11 6.21 14.82
N TYR A 602 24.00 5.10 15.55
CA TYR A 602 22.77 4.32 15.62
C TYR A 602 22.34 4.10 17.06
N LEU A 603 21.10 3.68 17.23
CA LEU A 603 20.54 3.40 18.54
C LEU A 603 20.21 1.92 18.71
N THR A 604 20.73 1.32 19.78
CA THR A 604 20.47 -0.08 20.10
C THR A 604 20.01 -0.15 21.55
N GLY A 605 19.26 -1.20 21.93
CA GLY A 605 18.80 -1.27 23.31
C GLY A 605 18.03 -2.48 23.81
N ASN A 606 17.57 -2.32 25.04
CA ASN A 606 16.82 -3.27 25.87
C ASN A 606 15.65 -4.05 25.29
N VAL A 607 14.88 -3.44 24.40
CA VAL A 607 13.68 -4.05 23.85
C VAL A 607 13.80 -4.49 22.40
N ALA A 608 12.79 -5.20 21.93
CA ALA A 608 12.73 -5.68 20.56
C ALA A 608 12.61 -4.49 19.62
N GLU A 609 11.88 -3.48 20.05
CA GLU A 609 11.67 -2.29 19.25
C GLU A 609 12.98 -1.54 19.05
N LEU A 610 13.99 -1.87 19.86
CA LEU A 610 15.30 -1.24 19.77
C LEU A 610 16.37 -2.18 19.20
N GLY A 611 15.95 -3.39 18.86
CA GLY A 611 16.87 -4.37 18.26
C GLY A 611 17.50 -5.34 19.24
N ASN A 612 17.14 -5.24 20.52
CA ASN A 612 17.68 -6.13 21.54
C ASN A 612 19.20 -6.27 21.50
N TRP A 613 19.91 -5.15 21.46
CA TRP A 613 21.37 -5.16 21.44
C TRP A 613 22.05 -5.71 20.18
N ASP A 614 21.27 -5.96 19.13
CA ASP A 614 21.83 -6.46 17.88
C ASP A 614 22.27 -5.29 17.02
N THR A 615 23.57 -5.00 17.01
CA THR A 615 24.08 -3.87 16.24
C THR A 615 23.76 -3.91 14.74
N SER A 616 23.41 -5.08 14.24
CA SER A 616 23.07 -5.24 12.83
C SER A 616 21.66 -4.74 12.58
N LYS A 617 20.83 -4.78 13.61
CA LYS A 617 19.45 -4.31 13.51
C LYS A 617 19.25 -3.07 14.38
N ALA A 618 20.27 -2.24 14.48
CA ALA A 618 20.23 -1.02 15.27
C ALA A 618 19.51 0.09 14.50
N ILE A 619 18.86 0.98 15.24
CA ILE A 619 18.11 2.07 14.61
C ILE A 619 18.98 3.18 14.05
N GLY A 620 18.89 3.40 12.75
CA GLY A 620 19.70 4.44 12.11
C GLY A 620 19.93 4.16 10.62
N PRO A 621 20.85 4.88 10.00
CA PRO A 621 21.64 5.91 10.66
C PRO A 621 20.74 7.05 11.12
N MET A 622 21.04 7.63 12.27
CA MET A 622 20.24 8.71 12.82
C MET A 622 20.39 9.99 12.00
N PHE A 623 19.44 10.90 12.15
CA PHE A 623 19.46 12.16 11.42
C PHE A 623 20.36 13.19 12.12
N ASN A 624 20.71 14.26 11.42
CA ASN A 624 21.57 15.28 12.00
C ASN A 624 21.63 16.59 11.21
N GLN A 625 20.55 16.96 10.55
CA GLN A 625 20.56 18.20 9.78
C GLN A 625 19.48 19.21 10.13
N VAL A 626 18.23 18.80 9.96
CA VAL A 626 17.09 19.68 10.21
C VAL A 626 16.88 20.06 11.68
N VAL A 627 16.13 19.25 12.41
CA VAL A 627 15.82 19.53 13.82
C VAL A 627 17.03 19.83 14.70
N TYR A 628 18.05 18.99 14.60
CA TYR A 628 19.28 19.17 15.38
C TYR A 628 20.43 19.01 14.40
N GLN A 629 21.51 19.77 14.59
CA GLN A 629 22.67 19.70 13.71
C GLN A 629 23.84 18.93 14.31
N TYR A 630 24.60 18.27 13.46
CA TYR A 630 25.78 17.52 13.88
C TYR A 630 26.68 18.48 14.69
N PRO A 631 27.41 17.97 15.70
CA PRO A 631 27.47 16.56 16.03
C PRO A 631 26.36 15.99 16.92
N THR A 632 25.19 16.62 16.94
CA THR A 632 24.09 16.04 17.72
C THR A 632 23.19 15.28 16.75
N TRP A 633 22.82 14.07 17.14
CA TRP A 633 21.98 13.21 16.31
C TRP A 633 20.65 12.98 17.02
N TYR A 634 19.61 12.74 16.24
CA TYR A 634 18.28 12.49 16.80
C TYR A 634 17.52 11.51 15.90
N TYR A 635 16.55 10.83 16.47
CA TYR A 635 15.73 9.89 15.73
C TYR A 635 14.39 9.64 16.43
N ASP A 636 13.34 9.60 15.62
CA ASP A 636 12.00 9.36 16.15
C ASP A 636 11.76 7.85 16.09
N VAL A 637 11.65 7.24 17.26
CA VAL A 637 11.50 5.80 17.38
C VAL A 637 10.24 5.36 18.09
N SER A 638 9.64 4.28 17.60
CA SER A 638 8.43 3.71 18.20
C SER A 638 8.89 2.76 19.30
N VAL A 639 8.39 2.96 20.51
CA VAL A 639 8.76 2.12 21.64
C VAL A 639 7.54 1.78 22.50
N PRO A 640 7.62 0.68 23.24
CA PRO A 640 6.52 0.25 24.08
C PRO A 640 6.21 1.30 25.15
N ALA A 641 4.95 1.70 25.22
CA ALA A 641 4.49 2.70 26.18
C ALA A 641 4.68 2.27 27.63
N GLY A 642 5.04 3.23 28.46
CA GLY A 642 5.24 2.99 29.89
C GLY A 642 6.29 1.94 30.25
N THR A 643 7.32 1.81 29.41
CA THR A 643 8.38 0.83 29.68
C THR A 643 9.72 1.50 29.94
N THR A 644 10.48 0.95 30.88
CA THR A 644 11.79 1.47 31.21
C THR A 644 12.82 0.77 30.33
N ILE A 645 13.48 1.53 29.48
CA ILE A 645 14.44 0.96 28.56
C ILE A 645 15.88 1.34 28.85
N GLN A 646 16.78 0.40 28.59
CA GLN A 646 18.20 0.65 28.74
C GLN A 646 18.65 0.72 27.28
N PHE A 647 19.49 1.69 26.96
CA PHE A 647 19.94 1.81 25.60
C PHE A 647 21.31 2.45 25.54
N LYS A 648 21.89 2.43 24.36
CA LYS A 648 23.18 3.02 24.15
C LYS A 648 23.28 3.33 22.68
N PHE A 649 24.13 4.30 22.36
CA PHE A 649 24.33 4.68 20.97
C PHE A 649 25.66 4.12 20.53
N ILE A 650 25.81 3.94 19.22
CA ILE A 650 27.05 3.40 18.67
C ILE A 650 27.37 4.09 17.37
N LYS A 651 28.63 4.00 16.96
CA LYS A 651 29.08 4.59 15.70
C LYS A 651 29.47 3.42 14.80
N LYS A 652 28.84 3.33 13.63
CA LYS A 652 29.11 2.25 12.72
C LYS A 652 29.61 2.72 11.37
N ASN A 653 30.21 1.80 10.64
CA ASN A 653 30.77 2.08 9.32
C ASN A 653 30.56 0.86 8.44
N GLY A 654 31.33 -0.19 8.69
CA GLY A 654 31.26 -1.44 7.94
C GLY A 654 32.34 -2.36 8.50
N ASN A 655 33.35 -1.75 9.10
CA ASN A 655 34.44 -2.51 9.72
C ASN A 655 34.88 -1.86 11.00
N THR A 656 33.91 -1.63 11.88
CA THR A 656 34.14 -1.02 13.17
C THR A 656 32.82 -0.69 13.84
N ILE A 657 32.67 -1.13 15.08
CA ILE A 657 31.46 -0.79 15.81
C ILE A 657 31.96 -0.23 17.12
N THR A 658 31.81 1.09 17.29
CA THR A 658 32.25 1.76 18.50
C THR A 658 31.06 1.99 19.43
N TRP A 659 31.11 1.34 20.59
CA TRP A 659 30.05 1.46 21.56
C TRP A 659 30.24 2.65 22.45
N GLU A 660 29.14 3.10 23.04
CA GLU A 660 29.21 4.19 23.98
C GLU A 660 29.86 3.58 25.22
N GLY A 661 30.57 4.40 25.99
CA GLY A 661 31.23 3.92 27.20
C GLY A 661 30.28 4.08 28.37
N GLY A 662 30.75 3.83 29.57
CA GLY A 662 29.92 3.98 30.76
C GLY A 662 28.73 3.00 30.81
N SER A 663 27.72 3.37 31.59
CA SER A 663 26.54 2.53 31.74
C SER A 663 25.40 2.90 30.80
N ASN A 664 24.56 1.92 30.50
CA ASN A 664 23.43 2.12 29.63
C ASN A 664 22.60 3.31 30.10
N HIS A 665 22.05 4.05 29.14
CA HIS A 665 21.19 5.18 29.49
C HIS A 665 19.85 4.54 29.81
N THR A 666 19.10 5.15 30.71
CA THR A 666 17.80 4.62 31.08
C THR A 666 16.74 5.67 30.84
N TYR A 667 15.54 5.22 30.51
CA TYR A 667 14.44 6.11 30.24
C TYR A 667 13.16 5.31 30.32
N THR A 668 12.10 5.91 30.86
CA THR A 668 10.83 5.23 30.95
C THR A 668 9.87 5.85 29.94
N VAL A 669 9.58 5.11 28.87
CA VAL A 669 8.68 5.59 27.83
C VAL A 669 7.36 6.06 28.44
N PRO A 670 6.87 7.20 27.97
CA PRO A 670 5.61 7.75 28.47
C PRO A 670 4.44 6.87 28.08
N SER A 671 3.40 6.90 28.88
CA SER A 671 2.22 6.08 28.68
C SER A 671 1.29 6.57 27.57
N SER A 672 1.06 7.87 27.51
CA SER A 672 0.12 8.40 26.54
C SER A 672 0.63 9.33 25.44
N SER A 673 1.53 10.23 25.77
CA SER A 673 2.02 11.17 24.77
C SER A 673 3.40 10.88 24.21
N THR A 674 3.76 11.60 23.15
CA THR A 674 5.06 11.45 22.52
C THR A 674 6.08 11.87 23.58
N GLY A 675 7.32 11.42 23.43
CA GLY A 675 8.35 11.78 24.39
C GLY A 675 9.66 12.15 23.72
N THR A 676 10.58 12.69 24.50
CA THR A 676 11.90 13.08 24.00
C THR A 676 12.95 12.83 25.07
N VAL A 677 14.03 12.16 24.69
CA VAL A 677 15.12 11.89 25.61
C VAL A 677 16.38 12.52 25.06
N ILE A 678 17.11 13.22 25.91
CA ILE A 678 18.34 13.87 25.49
C ILE A 678 19.48 13.48 26.40
N VAL A 679 20.55 12.99 25.80
CA VAL A 679 21.71 12.57 26.56
C VAL A 679 22.99 12.97 25.82
N ASN A 680 24.13 12.76 26.46
CA ASN A 680 25.41 13.08 25.85
C ASN A 680 26.23 11.80 25.67
N TRP A 681 26.88 11.69 24.54
CA TRP A 681 27.69 10.51 24.23
C TRP A 681 28.71 10.27 25.34
N GLN A 682 28.74 9.05 25.89
CA GLN A 682 29.68 8.69 26.96
C GLN A 682 30.97 8.05 26.42
N GLN A 683 32.12 8.62 26.78
CA GLN A 683 33.41 8.11 26.33
C GLN A 683 33.77 6.80 27.01
CA CA B . 6.82 15.78 6.79
CA CA C . -22.15 16.51 -6.77
#